data_8DFZ
#
_entry.id   8DFZ
#
_cell.length_a   1.000000
_cell.length_b   1.000000
_cell.length_c   1.000000
_cell.angle_alpha   90.000000
_cell.angle_beta   90.000000
_cell.angle_gamma   90.000000
#
_symmetry.space_group_name_H-M   'P 1'
#
loop_
_entity.id
_entity.type
_entity.pdbx_description
1 polymer 'Bacteriocin glycocin F'
2 non-polymer 2-acetamido-2-deoxy-beta-D-glucopyranose
#
_entity_poly.entity_id   1
_entity_poly.type   'polypeptide(L)'
_entity_poly.pdbx_seq_one_letter_code
;KPAWCWYTLAMCGAGYD(EW6)GTCDYMYSHCFGIKHHSSGSSSYHC
;
_entity_poly.pdbx_strand_id   A
#
loop_
_chem_comp.id
_chem_comp.type
_chem_comp.name
_chem_comp.formula
NAG D-saccharide, beta linking 2-acetamido-2-deoxy-beta-D-glucopyranose 'C8 H15 N O6'
#
# COMPACT_ATOMS: atom_id res chain seq x y z
N LYS A 1 5.67 -10.68 -7.42
CA LYS A 1 6.21 -9.31 -7.17
C LYS A 1 7.00 -8.82 -8.39
N PRO A 2 6.36 -8.06 -9.29
CA PRO A 2 7.05 -7.53 -10.47
C PRO A 2 7.84 -6.29 -10.13
N ALA A 3 8.51 -5.71 -11.13
CA ALA A 3 9.14 -4.41 -10.94
C ALA A 3 8.07 -3.39 -10.49
N TRP A 4 6.84 -3.49 -10.98
CA TRP A 4 5.87 -2.47 -10.59
C TRP A 4 5.55 -2.41 -9.12
N CYS A 5 5.59 -3.53 -8.41
CA CYS A 5 5.38 -3.55 -6.97
C CYS A 5 6.18 -2.47 -6.25
N TRP A 6 7.46 -2.32 -6.56
CA TRP A 6 8.26 -1.39 -5.83
C TRP A 6 7.91 0.01 -6.26
N TYR A 7 7.56 0.14 -7.53
CA TYR A 7 7.23 1.42 -8.10
C TYR A 7 6.01 2.02 -7.44
N THR A 8 5.00 1.19 -7.41
CA THR A 8 3.71 1.45 -6.80
C THR A 8 3.94 1.85 -5.37
N LEU A 9 4.69 1.05 -4.63
CA LEU A 9 4.92 1.34 -3.23
C LEU A 9 5.72 2.62 -3.03
N ALA A 10 6.57 2.95 -3.99
CA ALA A 10 7.40 4.15 -3.87
C ALA A 10 6.58 5.40 -4.19
N MET A 11 5.74 5.32 -5.22
CA MET A 11 4.94 6.47 -5.64
C MET A 11 3.80 6.72 -4.66
N CYS A 12 3.51 5.75 -3.81
CA CYS A 12 2.51 5.96 -2.77
C CYS A 12 2.94 7.09 -1.85
N GLY A 13 4.24 7.20 -1.64
CA GLY A 13 4.80 8.22 -0.75
C GLY A 13 4.61 9.65 -1.22
N ALA A 14 4.13 9.83 -2.45
CA ALA A 14 3.86 11.16 -2.99
C ALA A 14 2.47 11.64 -2.52
N GLY A 15 1.90 10.93 -1.55
CA GLY A 15 0.57 11.24 -1.05
C GLY A 15 -0.49 10.54 -1.87
N TYR A 16 -0.04 9.71 -2.80
CA TYR A 16 -0.93 8.99 -3.68
C TYR A 16 -1.60 7.85 -2.92
N ASP A 17 -0.80 7.15 -2.12
CA ASP A 17 -1.20 5.95 -1.37
C ASP A 17 -2.39 5.14 -1.92
N EW6 A 18 -3.62 5.42 -1.38
CA EW6 A 18 -4.82 4.67 -1.70
C EW6 A 18 -5.00 4.78 -3.20
O EW6 A 18 -4.75 5.78 -3.83
CB EW6 A 18 -6.04 5.31 -1.09
C4 EW6 A 18 -4.68 3.20 -1.20
OG EW6 A 18 -7.21 4.50 -1.35
H EW6 A 18 -3.67 6.19 -0.72
HB2 EW6 A 18 -5.90 5.47 -0.01
HB3 EW6 A 18 -6.13 6.25 -1.61
H7 EW6 A 18 -4.40 3.19 -0.14
H8 EW6 A 18 -3.90 2.66 -1.75
H9 EW6 A 18 -5.62 2.65 -1.30
N GLY A 19 -5.45 3.67 -3.82
CA GLY A 19 -5.66 3.66 -5.23
C GLY A 19 -4.47 3.21 -6.02
N THR A 20 -3.28 3.41 -5.46
CA THR A 20 -2.09 2.94 -6.09
C THR A 20 -1.64 1.74 -5.33
N CYS A 21 -1.33 1.96 -4.07
CA CYS A 21 -0.79 0.95 -3.20
C CYS A 21 -1.72 -0.19 -3.15
N ASP A 22 -3.00 0.07 -2.96
CA ASP A 22 -4.09 -0.86 -2.72
C ASP A 22 -4.42 -1.64 -3.96
N TYR A 23 -4.40 -0.94 -5.07
CA TYR A 23 -4.74 -1.51 -6.34
C TYR A 23 -3.86 -2.55 -6.73
N MET A 24 -2.66 -2.16 -6.60
CA MET A 24 -1.64 -2.97 -7.00
C MET A 24 -1.34 -3.91 -5.87
N TYR A 25 -1.62 -3.50 -4.64
CA TYR A 25 -1.46 -4.36 -3.44
C TYR A 25 -2.24 -5.57 -3.70
N SER A 26 -3.43 -5.33 -4.27
CA SER A 26 -4.31 -6.46 -4.57
C SER A 26 -3.57 -7.55 -5.36
N HIS A 27 -2.70 -7.11 -6.27
CA HIS A 27 -1.87 -8.00 -7.09
C HIS A 27 -0.40 -8.18 -6.58
N CYS A 28 -0.02 -7.52 -5.50
CA CYS A 28 1.40 -7.37 -5.15
C CYS A 28 1.70 -8.26 -3.96
N PHE A 29 0.65 -8.50 -3.18
CA PHE A 29 0.75 -9.26 -1.95
C PHE A 29 -0.35 -10.30 -1.87
N GLY A 30 -0.21 -11.26 -0.97
CA GLY A 30 -1.22 -12.30 -0.83
C GLY A 30 -2.03 -12.00 0.40
N ILE A 31 -1.50 -11.11 1.22
CA ILE A 31 -2.17 -10.68 2.42
C ILE A 31 -2.57 -9.25 2.17
N LYS A 32 -3.87 -9.04 2.15
CA LYS A 32 -4.48 -7.76 1.81
C LYS A 32 -5.58 -7.49 2.82
N HIS A 33 -5.44 -8.13 3.97
CA HIS A 33 -6.44 -8.09 5.02
C HIS A 33 -5.84 -7.44 6.26
N HIS A 34 -5.60 -6.15 6.17
CA HIS A 34 -4.95 -5.39 7.23
C HIS A 34 -5.64 -4.03 7.38
N SER A 35 -6.92 -4.02 7.10
CA SER A 35 -7.73 -2.80 7.21
C SER A 35 -8.22 -2.69 8.66
N SER A 36 -8.71 -1.51 9.04
CA SER A 36 -9.20 -1.27 10.39
C SER A 36 -10.34 -0.26 10.27
N GLY A 37 -11.24 -0.23 11.24
CA GLY A 37 -12.38 0.68 11.22
C GLY A 37 -12.05 2.11 11.61
N SER A 38 -10.97 2.63 11.07
CA SER A 38 -10.55 4.00 11.35
C SER A 38 -11.58 4.94 10.73
N SER A 39 -11.88 6.02 11.42
CA SER A 39 -12.87 7.02 10.97
C SER A 39 -14.21 6.43 10.54
N SER A 40 -14.60 5.29 11.09
CA SER A 40 -15.86 4.64 10.76
C SER A 40 -16.73 4.57 12.02
N TYR A 41 -16.89 5.71 12.66
CA TYR A 41 -17.59 5.79 13.93
C TYR A 41 -19.11 5.90 13.80
N HIS A 42 -19.60 5.93 12.57
CA HIS A 42 -21.03 6.02 12.29
C HIS A 42 -21.32 5.34 10.95
N CYS A 43 -20.53 4.31 10.67
CA CYS A 43 -20.55 3.64 9.39
C CYS A 43 -20.19 2.18 9.61
C1 NAG B . -8.36 5.24 -1.85
C2 NAG B . -8.85 6.26 -0.78
C3 NAG B . -9.94 7.16 -1.39
C4 NAG B . -9.40 7.86 -2.65
C5 NAG B . -8.92 6.84 -3.70
C6 NAG B . -8.23 7.51 -4.89
C7 NAG B . -8.80 5.64 1.59
C8 NAG B . -9.56 4.95 2.75
N2 NAG B . -9.40 5.55 0.40
O3 NAG B . -10.32 8.18 -0.44
O4 NAG B . -10.50 8.63 -3.20
O5 NAG B . -7.93 5.95 -3.08
O6 NAG B . -9.17 8.37 -5.57
O7 NAG B . -7.67 6.09 1.74
H1 NAG B . -9.16 4.54 -2.09
H2 NAG B . -8.02 6.88 -0.47
H3 NAG B . -10.81 6.56 -1.65
H4 NAG B . -8.58 8.52 -2.38
H5 NAG B . -9.77 6.24 -4.05
H61 NAG B . -7.38 8.10 -4.55
H62 NAG B . -7.87 6.75 -5.59
H81 NAG B . -9.54 3.87 2.60
H82 NAG B . -10.60 5.29 2.77
H83 NAG B . -9.09 5.20 3.70
HN2 NAG B . -10.35 5.22 0.34
HO3 NAG B . -10.85 8.84 -0.90
HO4 NAG B . -10.28 8.83 -4.13
HO6 NAG B . -8.75 8.71 -6.38
C1 NAG C . -18.20 4.90 6.05
C2 NAG C . -16.93 5.28 6.89
C3 NAG C . -15.62 4.71 6.31
C4 NAG C . -15.45 5.03 4.81
C5 NAG C . -16.77 5.21 4.05
C6 NAG C . -16.67 4.76 2.60
C7 NAG C . -17.17 7.44 8.02
C8 NAG C . -16.82 8.95 8.00
N2 NAG C . -16.80 6.75 6.93
O3 NAG C . -15.63 3.27 6.48
O4 NAG C . -14.73 6.27 4.70
O5 NAG C . -17.83 4.42 4.70
O6 NAG C . -15.67 5.57 1.95
O7 NAG C . -17.87 6.97 8.92
H1 NAG C . -18.84 5.78 5.94
H2 NAG C . -17.02 4.92 7.90
H3 NAG C . -14.78 5.12 6.86
H4 NAG C . -14.86 4.23 4.35
H5 NAG C . -17.07 6.27 4.09
H61 NAG C . -16.37 3.71 2.55
H62 NAG C . -17.62 4.87 2.09
H81 NAG C . -15.89 9.10 7.44
H82 NAG C . -17.62 9.50 7.52
H83 NAG C . -16.67 9.31 9.01
HN2 NAG C . -16.13 7.16 6.29
HO3 NAG C . -15.36 3.05 7.39
HO4 NAG C . -14.56 6.44 3.76
HO6 NAG C . -15.60 5.31 1.02
N LYS A 1 5.72 -10.45 -7.04
CA LYS A 1 6.34 -9.10 -6.97
C LYS A 1 7.01 -8.73 -8.30
N PRO A 2 6.28 -8.05 -9.21
CA PRO A 2 6.90 -7.62 -10.46
C PRO A 2 7.69 -6.34 -10.23
N ALA A 3 8.31 -5.80 -11.26
CA ALA A 3 8.96 -4.50 -11.14
C ALA A 3 7.93 -3.46 -10.64
N TRP A 4 6.68 -3.55 -11.05
CA TRP A 4 5.74 -2.52 -10.62
C TRP A 4 5.50 -2.42 -9.13
N CYS A 5 5.53 -3.53 -8.42
CA CYS A 5 5.39 -3.54 -6.97
C CYS A 5 6.20 -2.46 -6.28
N TRP A 6 7.47 -2.33 -6.63
CA TRP A 6 8.30 -1.41 -5.89
C TRP A 6 7.95 0.00 -6.29
N TYR A 7 7.58 0.15 -7.54
CA TYR A 7 7.24 1.45 -8.10
C TYR A 7 6.03 2.02 -7.42
N THR A 8 5.01 1.19 -7.40
CA THR A 8 3.73 1.46 -6.78
C THR A 8 3.96 1.84 -5.34
N LEU A 9 4.69 1.03 -4.61
CA LEU A 9 4.91 1.32 -3.20
C LEU A 9 5.68 2.62 -3.02
N ALA A 10 6.57 2.93 -3.95
CA ALA A 10 7.37 4.14 -3.83
C ALA A 10 6.53 5.38 -4.13
N MET A 11 5.71 5.31 -5.16
CA MET A 11 4.92 6.47 -5.58
C MET A 11 3.71 6.70 -4.67
N CYS A 12 3.31 5.69 -3.90
CA CYS A 12 2.22 5.87 -2.95
C CYS A 12 2.61 6.94 -1.93
N GLY A 13 3.87 6.92 -1.52
CA GLY A 13 4.37 7.86 -0.53
C GLY A 13 4.44 9.30 -1.01
N ALA A 14 4.17 9.53 -2.29
CA ALA A 14 4.13 10.89 -2.83
C ALA A 14 2.72 11.47 -2.65
N GLY A 15 1.89 10.81 -1.86
CA GLY A 15 0.53 11.24 -1.62
C GLY A 15 -0.44 10.65 -2.62
N TYR A 16 0.08 9.81 -3.50
CA TYR A 16 -0.75 9.15 -4.50
C TYR A 16 -1.60 8.08 -3.83
N ASP A 17 -1.00 7.38 -2.87
CA ASP A 17 -1.59 6.25 -2.13
C ASP A 17 -2.76 5.51 -2.77
N EW6 A 18 -4.02 6.00 -2.48
CA EW6 A 18 -5.24 5.33 -2.91
C EW6 A 18 -5.21 5.26 -4.44
O EW6 A 18 -4.68 6.10 -5.13
CB EW6 A 18 -6.49 6.14 -2.49
C4 EW6 A 18 -5.31 3.91 -2.26
OG EW6 A 18 -7.67 5.34 -2.76
H EW6 A 18 -4.07 6.85 -1.94
HB2 EW6 A 18 -6.41 6.40 -1.43
HB3 EW6 A 18 -6.52 7.04 -3.10
H7 EW6 A 18 -4.54 3.25 -2.67
H8 EW6 A 18 -6.28 3.44 -2.41
H9 EW6 A 18 -5.14 4.00 -1.18
N GLY A 19 -5.77 4.15 -4.99
CA GLY A 19 -5.74 3.93 -6.41
C GLY A 19 -4.48 3.25 -6.89
N THR A 20 -3.37 3.50 -6.20
CA THR A 20 -2.12 2.92 -6.59
C THR A 20 -1.85 1.75 -5.67
N CYS A 21 -1.73 2.01 -4.39
CA CYS A 21 -1.46 0.95 -3.44
C CYS A 21 -2.66 0.07 -3.25
N ASP A 22 -3.86 0.56 -3.42
CA ASP A 22 -5.03 -0.28 -3.16
C ASP A 22 -4.98 -1.39 -4.18
N TYR A 23 -4.90 -0.92 -5.40
CA TYR A 23 -4.90 -1.71 -6.59
C TYR A 23 -3.92 -2.76 -6.69
N MET A 24 -2.74 -2.26 -6.63
CA MET A 24 -1.64 -3.00 -6.92
C MET A 24 -1.21 -3.75 -5.75
N TYR A 25 -1.39 -3.25 -4.54
CA TYR A 25 -0.99 -4.02 -3.36
C TYR A 25 -1.91 -5.18 -3.35
N SER A 26 -3.16 -4.97 -3.79
CA SER A 26 -4.07 -6.11 -3.86
C SER A 26 -3.45 -7.22 -4.73
N HIS A 27 -2.71 -6.82 -5.75
CA HIS A 27 -2.04 -7.72 -6.68
C HIS A 27 -0.53 -7.95 -6.37
N CYS A 28 -0.01 -7.32 -5.33
CA CYS A 28 1.44 -7.22 -5.14
C CYS A 28 1.77 -8.28 -4.11
N PHE A 29 0.76 -8.58 -3.30
CA PHE A 29 0.87 -9.55 -2.23
C PHE A 29 -0.40 -10.38 -2.14
N GLY A 30 -0.32 -11.56 -1.54
CA GLY A 30 -1.50 -12.41 -1.41
C GLY A 30 -2.08 -12.26 -0.03
N ILE A 31 -1.22 -11.83 0.88
CA ILE A 31 -1.59 -11.59 2.26
C ILE A 31 -1.46 -10.10 2.47
N LYS A 32 -2.60 -9.49 2.73
CA LYS A 32 -2.70 -8.05 2.83
C LYS A 32 -3.37 -7.62 4.12
N HIS A 33 -3.34 -8.54 5.07
CA HIS A 33 -3.95 -8.33 6.38
C HIS A 33 -2.89 -8.57 7.44
N HIS A 34 -2.08 -7.56 7.70
CA HIS A 34 -0.94 -7.69 8.62
C HIS A 34 -0.58 -6.37 9.30
N SER A 35 -1.54 -5.45 9.36
CA SER A 35 -1.31 -4.16 10.01
C SER A 35 -1.46 -4.35 11.51
N SER A 36 -0.55 -3.79 12.29
CA SER A 36 -0.59 -3.90 13.75
C SER A 36 0.23 -2.76 14.34
N GLY A 37 -0.04 -2.41 15.59
CA GLY A 37 0.68 -1.34 16.25
C GLY A 37 0.10 0.03 15.91
N SER A 38 0.66 1.05 16.51
CA SER A 38 0.24 2.43 16.27
C SER A 38 1.38 3.34 16.69
N SER A 39 1.54 4.46 16.01
CA SER A 39 2.61 5.43 16.33
C SER A 39 2.15 6.83 15.92
N SER A 40 0.86 7.06 15.96
CA SER A 40 0.29 8.33 15.52
C SER A 40 0.38 9.44 16.58
N TYR A 41 0.58 9.03 17.84
CA TYR A 41 0.69 9.93 19.02
C TYR A 41 -0.52 10.80 19.35
N HIS A 42 -0.78 11.78 18.52
CA HIS A 42 -1.86 12.76 18.72
C HIS A 42 -2.54 13.07 17.38
N CYS A 43 -2.43 12.13 16.46
CA CYS A 43 -2.91 12.29 15.09
C CYS A 43 -3.73 11.06 14.75
C1 NAG B . -8.73 5.46 -1.78
C2 NAG B . -8.35 4.68 -0.50
C3 NAG B . -9.00 5.28 0.78
C4 NAG B . -10.27 6.07 0.47
C5 NAG B . -10.11 7.17 -0.62
C6 NAG B . -9.93 8.56 -0.03
C7 NAG B . -7.97 2.27 -0.17
C8 NAG B . -8.64 0.89 -0.10
N2 NAG B . -8.75 3.27 -0.63
O3 NAG B . -8.05 6.19 1.41
O4 NAG B . -11.27 5.13 0.01
O5 NAG B . -8.91 6.89 -1.46
O6 NAG B . -11.17 8.94 0.61
O7 NAG B . -6.85 2.47 0.30
H1 NAG B . -9.65 5.06 -2.20
H2 NAG B . -7.27 4.72 -0.37
H3 NAG B . -9.23 4.49 1.48
H4 NAG B . -10.64 6.54 1.40
H5 NAG B . -10.99 7.16 -1.26
H61 NAG B . -9.13 8.57 0.71
H62 NAG B . -9.71 9.28 -0.81
H81 NAG B . -7.88 0.11 0.02
H82 NAG B . -9.20 0.70 -1.02
H83 NAG B . -9.32 0.86 0.75
HN2 NAG B . -9.70 3.06 -0.91
HO3 NAG B . -7.36 5.69 1.85
HO4 NAG B . -12.13 5.56 -0.02
HO6 NAG B . -11.06 9.78 1.04
C1 NAG C . -0.29 13.08 11.86
C2 NAG C . -0.01 12.06 10.76
C3 NAG C . 1.46 12.14 10.29
C4 NAG C . 2.15 13.47 10.64
C5 NAG C . 1.21 14.71 10.61
C6 NAG C . 0.88 15.15 9.18
C7 NAG C . -0.56 9.70 10.35
C8 NAG C . -0.91 8.34 10.98
N2 NAG C . -0.32 10.69 11.22
O3 NAG C . 1.49 11.99 8.85
O4 NAG C . 2.67 13.35 11.98
O5 NAG C . -0.08 14.45 11.31
O6 NAG C . 2.09 15.63 8.57
O7 NAG C . -0.27 9.79 9.15
H1 NAG C . 0.37 12.93 12.70
H2 NAG C . -0.66 12.28 9.91
H3 NAG C . 2.03 11.32 10.73
H4 NAG C . 2.99 13.63 9.96
H5 NAG C . 1.71 15.53 11.12
H61 NAG C . 0.48 14.32 8.60
H62 NAG C . 0.15 15.95 9.19
H81 NAG C . -0.02 7.89 11.42
H82 NAG C . -1.66 8.47 11.76
H83 NAG C . -1.31 7.67 10.22
HN2 NAG C . -0.63 10.59 12.18
HO3 NAG C . 1.07 11.14 8.60
HO4 NAG C . 3.30 14.05 12.15
HO6 NAG C . 1.99 15.61 7.61
N LYS A 1 5.66 -10.54 -7.16
CA LYS A 1 6.26 -9.18 -7.02
C LYS A 1 6.98 -8.77 -8.31
N PRO A 2 6.28 -8.07 -9.22
CA PRO A 2 6.92 -7.61 -10.45
C PRO A 2 7.70 -6.34 -10.20
N ALA A 3 8.33 -5.78 -11.23
CA ALA A 3 8.97 -4.48 -11.10
C ALA A 3 7.94 -3.44 -10.60
N TRP A 4 6.69 -3.54 -11.03
CA TRP A 4 5.75 -2.52 -10.61
C TRP A 4 5.50 -2.42 -9.13
N CYS A 5 5.54 -3.53 -8.41
CA CYS A 5 5.39 -3.54 -6.97
C CYS A 5 6.20 -2.47 -6.27
N TRP A 6 7.47 -2.32 -6.62
CA TRP A 6 8.29 -1.40 -5.88
C TRP A 6 7.94 0.00 -6.28
N TYR A 7 7.57 0.15 -7.54
CA TYR A 7 7.23 1.45 -8.09
C TYR A 7 6.02 2.02 -7.43
N THR A 8 5.01 1.19 -7.40
CA THR A 8 3.73 1.45 -6.79
C THR A 8 3.96 1.84 -5.35
N LEU A 9 4.71 1.05 -4.62
CA LEU A 9 4.92 1.33 -3.22
C LEU A 9 5.68 2.64 -3.04
N ALA A 10 6.59 2.93 -3.96
CA ALA A 10 7.38 4.15 -3.85
C ALA A 10 6.53 5.39 -4.13
N MET A 11 5.69 5.32 -5.15
CA MET A 11 4.87 6.47 -5.53
C MET A 11 3.67 6.63 -4.60
N CYS A 12 3.30 5.60 -3.87
CA CYS A 12 2.23 5.74 -2.88
C CYS A 12 2.69 6.75 -1.83
N GLY A 13 3.95 6.66 -1.44
CA GLY A 13 4.50 7.55 -0.43
C GLY A 13 4.65 9.00 -0.89
N ALA A 14 4.39 9.25 -2.16
CA ALA A 14 4.45 10.60 -2.71
C ALA A 14 3.08 11.28 -2.52
N GLY A 15 2.21 10.64 -1.74
CA GLY A 15 0.88 11.18 -1.46
C GLY A 15 -0.19 10.63 -2.39
N TYR A 16 0.21 9.74 -3.29
CA TYR A 16 -0.74 9.14 -4.22
C TYR A 16 -1.60 8.10 -3.51
N ASP A 17 -0.94 7.27 -2.71
CA ASP A 17 -1.55 6.12 -1.99
C ASP A 17 -2.73 5.42 -2.66
N EW6 A 18 -3.98 5.95 -2.41
CA EW6 A 18 -5.21 5.35 -2.88
C EW6 A 18 -5.12 5.27 -4.41
O EW6 A 18 -4.52 6.07 -5.08
CB EW6 A 18 -6.41 6.25 -2.54
C4 EW6 A 18 -5.40 3.96 -2.21
OG EW6 A 18 -7.63 5.54 -2.89
H EW6 A 18 -4.00 6.81 -1.88
HB2 EW6 A 18 -6.39 6.50 -1.48
HB3 EW6 A 18 -6.33 7.16 -3.14
H7 EW6 A 18 -6.40 3.53 -2.42
H8 EW6 A 18 -5.32 4.05 -1.12
H9 EW6 A 18 -4.65 3.25 -2.54
N GLY A 19 -5.76 4.20 -4.96
CA GLY A 19 -5.73 3.98 -6.39
C GLY A 19 -4.47 3.29 -6.88
N THR A 20 -3.37 3.48 -6.16
CA THR A 20 -2.11 2.89 -6.55
C THR A 20 -1.86 1.70 -5.65
N CYS A 21 -1.73 1.94 -4.37
CA CYS A 21 -1.48 0.85 -3.45
C CYS A 21 -2.72 0.01 -3.28
N ASP A 22 -3.89 0.53 -3.48
CA ASP A 22 -5.09 -0.28 -3.26
C ASP A 22 -5.03 -1.39 -4.29
N TYR A 23 -4.93 -0.91 -5.50
CA TYR A 23 -4.90 -1.71 -6.68
C TYR A 23 -3.93 -2.76 -6.77
N MET A 24 -2.75 -2.27 -6.68
CA MET A 24 -1.65 -3.02 -6.95
C MET A 24 -1.24 -3.80 -5.78
N TYR A 25 -1.45 -3.30 -4.56
CA TYR A 25 -1.07 -4.07 -3.39
C TYR A 25 -2.02 -5.22 -3.39
N SER A 26 -3.25 -4.99 -3.88
CA SER A 26 -4.17 -6.13 -3.99
C SER A 26 -3.53 -7.25 -4.83
N HIS A 27 -2.73 -6.84 -5.80
CA HIS A 27 -2.01 -7.74 -6.71
C HIS A 27 -0.52 -7.98 -6.35
N CYS A 28 -0.03 -7.36 -5.28
CA CYS A 28 1.42 -7.26 -5.05
C CYS A 28 1.75 -8.22 -3.93
N PHE A 29 0.75 -8.48 -3.11
CA PHE A 29 0.89 -9.32 -1.93
C PHE A 29 -0.31 -10.23 -1.72
N GLY A 30 -0.20 -11.19 -0.80
CA GLY A 30 -1.28 -12.12 -0.53
C GLY A 30 -1.96 -11.73 0.75
N ILE A 31 -1.27 -10.92 1.52
CA ILE A 31 -1.77 -10.39 2.76
C ILE A 31 -1.92 -8.92 2.52
N LYS A 32 -3.16 -8.47 2.60
CA LYS A 32 -3.52 -7.10 2.26
C LYS A 32 -4.40 -6.51 3.34
N HIS A 33 -4.24 -7.06 4.53
CA HIS A 33 -5.11 -6.72 5.66
C HIS A 33 -4.22 -6.30 6.83
N HIS A 34 -3.88 -5.01 6.86
CA HIS A 34 -2.93 -4.49 7.84
C HIS A 34 -3.17 -3.00 8.10
N SER A 35 -4.35 -2.53 7.72
CA SER A 35 -4.70 -1.12 7.83
C SER A 35 -5.47 -0.85 9.12
N SER A 36 -5.25 0.32 9.71
CA SER A 36 -5.96 0.72 10.93
C SER A 36 -6.02 2.24 10.98
N GLY A 37 -7.05 2.76 11.64
CA GLY A 37 -7.21 4.20 11.82
C GLY A 37 -7.31 4.55 13.30
N SER A 38 -6.87 3.63 14.13
CA SER A 38 -6.94 3.80 15.58
C SER A 38 -6.03 4.93 16.06
N SER A 39 -6.41 5.57 17.15
CA SER A 39 -5.64 6.67 17.76
C SER A 39 -5.41 7.84 16.80
N SER A 40 -6.44 8.16 16.03
CA SER A 40 -6.40 9.26 15.08
C SER A 40 -6.46 10.64 15.74
N TYR A 41 -7.12 10.70 16.90
CA TYR A 41 -7.35 11.93 17.70
C TYR A 41 -8.23 13.01 17.08
N HIS A 42 -8.19 13.17 15.77
CA HIS A 42 -8.97 14.21 15.07
C HIS A 42 -9.62 13.72 13.78
N CYS A 43 -9.71 12.41 13.64
CA CYS A 43 -10.33 11.77 12.47
C CYS A 43 -11.18 10.64 12.99
C1 NAG B . -8.86 6.30 -2.79
C2 NAG B . -9.16 6.70 -1.32
C3 NAG B . -10.01 7.98 -1.21
C4 NAG B . -10.83 8.25 -2.49
C5 NAG B . -9.99 8.26 -3.80
C6 NAG B . -9.64 9.67 -4.26
C7 NAG B . -9.18 4.63 0.00
C8 NAG B . -10.04 3.51 0.61
N2 NAG B . -9.86 5.58 -0.66
O3 NAG B . -9.14 9.12 -1.00
O4 NAG B . -11.82 7.20 -2.60
O5 NAG B . -8.71 7.52 -3.60
O6 NAG B . -10.86 10.31 -4.68
O7 NAG B . -7.97 4.71 0.22
H1 NAG B . -9.67 5.71 -3.21
H2 NAG B . -8.23 6.88 -0.79
H3 NAG B . -10.69 7.90 -0.37
H4 NAG B . -11.35 9.21 -2.39
H5 NAG B . -10.56 7.75 -4.58
H61 NAG B . -9.18 10.23 -3.46
H62 NAG B . -8.96 9.62 -5.10
H81 NAG B . -10.64 3.91 1.43
H82 NAG B . -9.40 2.71 0.98
H83 NAG B . -10.71 3.09 -0.15
HN2 NAG B . -10.83 5.42 -0.91
HO3 NAG B . -8.80 9.12 -0.10
HO4 NAG B . -12.45 7.43 -3.28
HO6 NAG B . -10.66 11.22 -4.93
C1 NAG C . -6.73 11.22 10.24
C2 NAG C . -5.37 11.93 10.07
C3 NAG C . -4.26 11.34 10.96
C4 NAG C . -4.14 9.82 10.81
C5 NAG C . -5.49 9.11 10.57
C6 NAG C . -5.57 7.77 11.31
C7 NAG C . -5.16 12.84 7.80
C8 NAG C . -4.64 12.60 6.37
N2 NAG C . -4.94 11.83 8.66
O3 NAG C . -4.56 11.61 12.35
O4 NAG C . -3.31 9.54 9.66
O5 NAG C . -6.58 9.98 11.05
O6 NAG C . -4.56 6.91 10.76
O7 NAG C . -5.86 13.80 8.07
H1 NAG C . -7.15 10.97 9.27
H2 NAG C . -5.48 12.98 10.31
H3 NAG C . -3.30 11.82 10.72
H4 NAG C . -3.65 9.40 11.69
H5 NAG C . -5.64 8.93 9.50
H61 NAG C . -5.39 7.90 12.37
H62 NAG C . -6.55 7.32 11.17
H81 NAG C . -3.59 12.34 6.40
H82 NAG C . -5.20 11.79 5.90
H83 NAG C . -4.75 13.51 5.77
HN2 NAG C . -4.30 11.09 8.42
HO3 NAG C . -4.66 12.57 12.51
HO4 NAG C . -3.15 8.59 9.62
HO6 NAG C . -4.58 6.06 11.22
N LYS A 1 5.45 -10.47 -7.14
CA LYS A 1 6.13 -9.15 -7.01
C LYS A 1 6.85 -8.78 -8.32
N PRO A 2 6.18 -8.07 -9.24
CA PRO A 2 6.82 -7.62 -10.47
C PRO A 2 7.64 -6.36 -10.22
N ALA A 3 8.27 -5.83 -11.26
CA ALA A 3 8.94 -4.53 -11.11
C ALA A 3 7.93 -3.48 -10.62
N TRP A 4 6.67 -3.54 -11.05
CA TRP A 4 5.74 -2.51 -10.62
C TRP A 4 5.50 -2.42 -9.13
N CYS A 5 5.54 -3.53 -8.42
CA CYS A 5 5.39 -3.55 -6.98
C CYS A 5 6.19 -2.46 -6.28
N TRP A 6 7.47 -2.33 -6.63
CA TRP A 6 8.29 -1.42 -5.89
C TRP A 6 7.94 -0.01 -6.28
N TYR A 7 7.58 0.15 -7.54
CA TYR A 7 7.24 1.44 -8.10
C TYR A 7 6.03 2.02 -7.43
N THR A 8 5.01 1.20 -7.40
CA THR A 8 3.73 1.47 -6.79
C THR A 8 3.95 1.85 -5.36
N LEU A 9 4.70 1.03 -4.62
CA LEU A 9 4.92 1.32 -3.22
C LEU A 9 5.68 2.62 -3.03
N ALA A 10 6.58 2.93 -3.95
CA ALA A 10 7.37 4.14 -3.83
C ALA A 10 6.52 5.39 -4.12
N MET A 11 5.70 5.32 -5.16
CA MET A 11 4.89 6.47 -5.57
C MET A 11 3.69 6.67 -4.65
N CYS A 12 3.30 5.65 -3.88
CA CYS A 12 2.21 5.83 -2.93
C CYS A 12 2.61 6.89 -1.91
N GLY A 13 3.88 6.86 -1.50
CA GLY A 13 4.39 7.80 -0.51
C GLY A 13 4.46 9.24 -0.99
N ALA A 14 4.19 9.47 -2.27
CA ALA A 14 4.17 10.82 -2.82
C ALA A 14 2.77 11.43 -2.63
N GLY A 15 1.94 10.76 -1.84
CA GLY A 15 0.58 11.22 -1.58
C GLY A 15 -0.42 10.62 -2.55
N TYR A 16 0.08 9.78 -3.45
CA TYR A 16 -0.78 9.13 -4.44
C TYR A 16 -1.64 8.07 -3.75
N ASP A 17 -1.01 7.36 -2.82
CA ASP A 17 -1.61 6.22 -2.09
C ASP A 17 -2.79 5.48 -2.73
N EW6 A 18 -4.05 5.97 -2.47
CA EW6 A 18 -5.26 5.30 -2.92
C EW6 A 18 -5.20 5.20 -4.44
O EW6 A 18 -4.66 6.04 -5.14
CB EW6 A 18 -6.53 6.10 -2.56
C4 EW6 A 18 -5.35 3.90 -2.25
OG EW6 A 18 -7.68 5.31 -2.96
H EW6 A 18 -4.12 6.83 -1.94
HB2 EW6 A 18 -6.55 6.31 -1.49
HB3 EW6 A 18 -6.51 7.03 -3.12
H7 EW6 A 18 -6.32 3.43 -2.42
H8 EW6 A 18 -5.22 3.99 -1.17
H9 EW6 A 18 -4.57 3.22 -2.62
N GLY A 19 -5.78 4.10 -4.98
CA GLY A 19 -5.75 3.86 -6.40
C GLY A 19 -4.47 3.20 -6.87
N THR A 20 -3.38 3.45 -6.17
CA THR A 20 -2.12 2.88 -6.54
C THR A 20 -1.86 1.72 -5.62
N CYS A 21 -1.74 1.97 -4.32
CA CYS A 21 -1.47 0.90 -3.38
C CYS A 21 -2.69 0.03 -3.20
N ASP A 22 -3.88 0.52 -3.38
CA ASP A 22 -5.05 -0.32 -3.12
C ASP A 22 -5.01 -1.43 -4.15
N TYR A 23 -4.92 -0.95 -5.37
CA TYR A 23 -4.91 -1.75 -6.55
C TYR A 23 -3.92 -2.79 -6.66
N MET A 24 -2.76 -2.28 -6.59
CA MET A 24 -1.65 -3.01 -6.88
C MET A 24 -1.21 -3.77 -5.72
N TYR A 25 -1.41 -3.28 -4.51
CA TYR A 25 -1.01 -4.05 -3.34
C TYR A 25 -1.93 -5.23 -3.33
N SER A 26 -3.17 -5.02 -3.78
CA SER A 26 -4.07 -6.18 -3.88
C SER A 26 -3.46 -7.24 -4.81
N HIS A 27 -2.69 -6.79 -5.79
CA HIS A 27 -2.02 -7.66 -6.77
C HIS A 27 -0.52 -7.90 -6.43
N CYS A 28 -0.01 -7.30 -5.36
CA CYS A 28 1.44 -7.21 -5.15
C CYS A 28 1.74 -8.28 -4.12
N PHE A 29 0.71 -8.59 -3.35
CA PHE A 29 0.75 -9.57 -2.28
C PHE A 29 -0.60 -10.25 -2.30
N GLY A 30 -0.71 -11.44 -1.70
CA GLY A 30 -2.00 -12.11 -1.67
C GLY A 30 -2.64 -11.94 -0.32
N ILE A 31 -1.86 -11.41 0.59
CA ILE A 31 -2.33 -11.10 1.91
C ILE A 31 -2.05 -9.64 2.09
N LYS A 32 -3.11 -8.91 2.37
CA LYS A 32 -3.05 -7.47 2.55
C LYS A 32 -3.58 -7.06 3.92
N HIS A 33 -3.56 -8.02 4.82
CA HIS A 33 -4.16 -7.86 6.16
C HIS A 33 -3.14 -8.14 7.25
N HIS A 34 -2.06 -7.39 7.20
CA HIS A 34 -0.95 -7.55 8.15
C HIS A 34 -0.41 -6.19 8.56
N SER A 35 -1.32 -5.29 8.88
CA SER A 35 -0.97 -3.93 9.29
C SER A 35 -1.64 -3.66 10.64
N SER A 36 -1.13 -2.71 11.38
CA SER A 36 -1.67 -2.37 12.70
C SER A 36 -2.95 -1.55 12.55
N GLY A 37 -3.83 -1.69 13.53
CA GLY A 37 -5.08 -0.94 13.56
C GLY A 37 -5.34 -0.47 14.96
N SER A 38 -4.29 0.00 15.63
CA SER A 38 -4.38 0.44 17.02
C SER A 38 -3.38 1.56 17.25
N SER A 39 -3.37 2.09 18.47
CA SER A 39 -2.46 3.19 18.87
C SER A 39 -2.66 4.44 18.01
N SER A 40 -3.92 4.75 17.73
CA SER A 40 -4.30 5.93 16.95
C SER A 40 -4.23 7.22 17.78
N TYR A 41 -4.02 7.03 19.09
CA TYR A 41 -3.86 8.10 20.10
C TYR A 41 -5.06 9.00 20.40
N HIS A 42 -5.63 9.57 19.36
CA HIS A 42 -6.73 10.52 19.49
C HIS A 42 -7.78 10.35 18.39
N CYS A 43 -7.74 9.19 17.75
CA CYS A 43 -8.64 8.87 16.64
C CYS A 43 -9.08 7.43 16.84
C1 NAG B . -8.95 5.70 -2.38
C2 NAG B . -9.05 5.18 -0.93
C3 NAG B . -10.02 6.02 -0.07
C4 NAG B . -11.03 6.81 -0.92
C5 NAG B . -10.39 7.68 -2.04
C6 NAG B . -10.25 9.14 -1.63
C7 NAG B . -8.66 2.78 -0.57
C8 NAG B . -9.26 1.36 -0.63
N2 NAG B . -9.49 3.78 -0.95
O3 NAG B . -9.26 6.97 0.71
O4 NAG B . -11.91 5.85 -1.54
O5 NAG B . -9.04 7.18 -2.38
O6 NAG B . -11.58 9.71 -1.52
O7 NAG B . -7.56 2.99 -0.06
H1 NAG B . -9.76 5.30 -2.99
H2 NAG B . -8.06 5.24 -0.47
H3 NAG B . -10.56 5.36 0.62
H4 NAG B . -11.63 7.44 -0.26
H5 NAG B . -11.02 7.62 -2.93
H61 NAG B . -9.73 9.23 -0.67
H62 NAG B . -9.69 9.70 -2.38
H81 NAG B . -8.49 0.62 -0.42
H82 NAG B . -9.68 1.18 -1.62
H83 NAG B . -10.06 1.27 0.10
HN2 NAG B . -10.37 3.56 -1.38
HO3 NAG B . -8.79 6.52 1.42
HO4 NAG B . -12.66 6.32 -1.95
HO6 NAG B . -11.50 10.63 -1.23
C1 NAG C . -6.50 10.57 13.31
C2 NAG C . -5.64 9.31 13.05
C3 NAG C . -5.36 9.11 11.54
C4 NAG C . -5.79 10.32 10.66
C5 NAG C . -7.20 10.89 10.97
C6 NAG C . -8.27 10.31 10.04
C7 NAG C . -3.71 8.28 14.13
C8 NAG C . -2.31 8.50 14.76
N2 NAG C . -4.37 9.39 13.79
O3 NAG C . -6.11 7.96 11.09
O4 NAG C . -4.82 11.37 10.91
O5 NAG C . -7.61 10.57 12.36
O6 NAG C . -8.03 10.84 8.72
O7 NAG C . -4.05 7.16 13.73
H1 NAG C . -5.90 11.47 13.17
H2 NAG C . -6.17 8.43 13.40
H3 NAG C . -4.31 8.92 11.38
H4 NAG C . -5.72 10.03 9.61
H5 NAG C . -7.17 11.97 10.86
H61 NAG C . -8.22 9.23 10.02
H62 NAG C . -9.26 10.62 10.37
H81 NAG C . -2.35 9.36 15.43
H82 NAG C . -2.01 7.61 15.31
H83 NAG C . -1.59 8.69 13.97
HN2 NAG C . -4.07 10.28 14.16
HO3 NAG C . -5.73 7.15 11.47
HO4 NAG C . -4.83 11.97 10.15
HO6 NAG C . -8.64 10.43 8.10
N LYS A 1 6.19 -11.29 -7.74
CA LYS A 1 6.35 -9.82 -7.48
C LYS A 1 7.00 -9.14 -8.68
N PRO A 2 6.28 -8.26 -9.38
CA PRO A 2 6.86 -7.61 -10.57
C PRO A 2 7.75 -6.45 -10.21
N ALA A 3 8.30 -5.81 -11.24
CA ALA A 3 8.97 -4.53 -11.04
C ALA A 3 7.94 -3.51 -10.54
N TRP A 4 6.70 -3.59 -10.99
CA TRP A 4 5.75 -2.55 -10.59
C TRP A 4 5.51 -2.44 -9.11
N CYS A 5 5.52 -3.54 -8.37
CA CYS A 5 5.40 -3.53 -6.93
C CYS A 5 6.24 -2.45 -6.26
N TRP A 6 7.50 -2.32 -6.63
CA TRP A 6 8.34 -1.41 -5.91
C TRP A 6 7.98 0.00 -6.30
N TYR A 7 7.59 0.16 -7.55
CA TYR A 7 7.24 1.45 -8.11
C TYR A 7 6.02 2.02 -7.43
N THR A 8 4.99 1.20 -7.42
CA THR A 8 3.72 1.46 -6.81
C THR A 8 3.93 1.84 -5.36
N LEU A 9 4.69 1.03 -4.64
CA LEU A 9 4.90 1.31 -3.22
C LEU A 9 5.66 2.61 -3.04
N ALA A 10 6.57 2.92 -3.95
CA ALA A 10 7.36 4.13 -3.82
C ALA A 10 6.51 5.38 -4.12
N MET A 11 5.69 5.31 -5.15
CA MET A 11 4.89 6.46 -5.55
C MET A 11 3.69 6.69 -4.64
N CYS A 12 3.30 5.67 -3.87
CA CYS A 12 2.23 5.86 -2.90
C CYS A 12 2.68 6.90 -1.87
N GLY A 13 3.96 6.88 -1.54
CA GLY A 13 4.52 7.81 -0.57
C GLY A 13 4.56 9.25 -1.04
N ALA A 14 4.23 9.50 -2.30
CA ALA A 14 4.17 10.85 -2.84
C ALA A 14 2.78 11.46 -2.55
N GLY A 15 2.01 10.79 -1.70
CA GLY A 15 0.68 11.25 -1.35
C GLY A 15 -0.39 10.68 -2.25
N TYR A 16 0.01 9.81 -3.17
CA TYR A 16 -0.93 9.18 -4.09
C TYR A 16 -1.76 8.15 -3.32
N ASP A 17 -1.06 7.27 -2.62
CA ASP A 17 -1.63 6.11 -1.91
C ASP A 17 -2.81 5.41 -2.59
N EW6 A 18 -4.06 5.92 -2.31
CA EW6 A 18 -5.29 5.30 -2.81
C EW6 A 18 -5.18 5.29 -4.32
O EW6 A 18 -4.59 6.12 -4.96
CB EW6 A 18 -6.52 6.13 -2.43
C4 EW6 A 18 -5.43 3.88 -2.20
OG EW6 A 18 -7.71 5.40 -2.85
H EW6 A 18 -4.11 6.76 -1.76
HB2 EW6 A 18 -6.54 6.30 -1.35
HB3 EW6 A 18 -6.47 7.08 -2.95
H7 EW6 A 18 -4.67 3.20 -2.58
H8 EW6 A 18 -6.41 3.44 -2.39
H9 EW6 A 18 -5.31 3.92 -1.10
N GLY A 19 -5.79 4.23 -4.93
CA GLY A 19 -5.73 4.04 -6.37
C GLY A 19 -4.48 3.35 -6.84
N THR A 20 -3.37 3.54 -6.14
CA THR A 20 -2.13 2.96 -6.54
C THR A 20 -1.87 1.77 -5.64
N CYS A 21 -1.73 2.00 -4.35
CA CYS A 21 -1.48 0.92 -3.43
C CYS A 21 -2.72 0.08 -3.24
N ASP A 22 -3.90 0.61 -3.42
CA ASP A 22 -5.09 -0.22 -3.18
C ASP A 22 -5.04 -1.34 -4.21
N TYR A 23 -4.97 -0.85 -5.43
CA TYR A 23 -4.96 -1.65 -6.62
C TYR A 23 -3.98 -2.70 -6.72
N MET A 24 -2.79 -2.21 -6.65
CA MET A 24 -1.70 -2.97 -6.93
C MET A 24 -1.26 -3.73 -5.76
N TYR A 25 -1.46 -3.21 -4.55
CA TYR A 25 -1.04 -3.97 -3.38
C TYR A 25 -1.98 -5.12 -3.33
N SER A 26 -3.23 -4.91 -3.79
CA SER A 26 -4.15 -6.05 -3.85
C SER A 26 -3.52 -7.18 -4.68
N HIS A 27 -2.76 -6.79 -5.70
CA HIS A 27 -2.08 -7.73 -6.61
C HIS A 27 -0.57 -7.93 -6.29
N CYS A 28 -0.06 -7.28 -5.26
CA CYS A 28 1.40 -7.16 -5.08
C CYS A 28 1.74 -8.21 -4.04
N PHE A 29 0.73 -8.54 -3.26
CA PHE A 29 0.84 -9.52 -2.19
C PHE A 29 -0.45 -10.33 -2.11
N GLY A 30 -0.37 -11.54 -1.56
CA GLY A 30 -1.56 -12.37 -1.41
C GLY A 30 -2.10 -12.19 0.00
N ILE A 31 -1.19 -11.79 0.88
CA ILE A 31 -1.51 -11.50 2.25
C ILE A 31 -1.30 -10.03 2.37
N LYS A 32 -2.38 -9.35 2.68
CA LYS A 32 -2.39 -7.88 2.69
C LYS A 32 -2.83 -7.31 4.02
N HIS A 33 -2.70 -8.13 5.05
CA HIS A 33 -3.10 -7.76 6.41
C HIS A 33 -1.90 -7.90 7.34
N HIS A 34 -0.88 -7.08 7.12
CA HIS A 34 0.38 -7.17 7.86
C HIS A 34 1.05 -5.81 8.02
N SER A 35 0.24 -4.81 8.33
CA SER A 35 0.76 -3.44 8.48
C SER A 35 1.76 -3.37 9.63
N SER A 36 2.82 -2.61 9.44
CA SER A 36 3.85 -2.43 10.45
C SER A 36 3.35 -1.43 11.49
N GLY A 37 3.89 -1.51 12.69
CA GLY A 37 3.61 -0.54 13.73
C GLY A 37 4.52 0.65 13.53
N SER A 38 4.48 1.61 14.44
CA SER A 38 5.32 2.80 14.34
C SER A 38 6.06 3.02 15.65
N SER A 39 7.25 3.60 15.56
CA SER A 39 8.09 3.86 16.73
C SER A 39 8.32 5.35 16.92
N SER A 40 7.54 6.16 16.21
CA SER A 40 7.69 7.63 16.21
C SER A 40 7.19 8.33 17.47
N TYR A 41 7.60 7.84 18.64
CA TYR A 41 7.21 8.43 19.92
C TYR A 41 8.22 9.51 20.32
N HIS A 42 8.88 10.05 19.32
CA HIS A 42 9.92 11.06 19.48
C HIS A 42 9.71 12.11 18.39
N CYS A 43 8.49 12.16 17.89
CA CYS A 43 8.12 13.03 16.77
C CYS A 43 6.70 13.49 17.01
C1 NAG B . -8.91 5.63 -2.08
C2 NAG B . -8.81 4.86 -0.73
C3 NAG B . -9.74 5.46 0.36
C4 NAG B . -10.84 6.35 -0.23
C5 NAG B . -10.34 7.45 -1.21
C6 NAG B . -10.16 8.80 -0.53
C7 NAG B . -8.42 2.47 -0.36
C8 NAG B . -9.03 1.06 -0.44
N2 NAG B . -9.14 3.44 -0.94
O3 NAG B . -8.94 6.28 1.25
O4 NAG B . -11.75 5.49 -0.96
O5 NAG B . -9.04 7.07 -1.81
O6 NAG B . -11.45 9.29 -0.14
O7 NAG B . -7.42 2.70 0.32
H1 NAG B . -9.77 5.28 -2.65
H2 NAG B . -7.78 4.93 -0.37
H3 NAG B . -10.19 4.66 0.93
H4 NAG B . -11.40 6.82 0.58
H5 NAG B . -11.07 7.56 -2.02
H61 NAG B . -9.53 8.70 0.36
H62 NAG B . -9.69 9.51 -1.21
H81 NAG B . -9.81 0.96 0.31
H82 NAG B . -8.25 0.30 -0.24
H83 NAG B . -9.44 0.88 -1.43
HN2 NAG B . -9.99 3.21 -1.43
HO3 NAG B . -8.37 5.71 1.79
HO4 NAG B . -12.55 5.97 -1.18
HO6 NAG B . -11.35 10.12 0.32
C1 NAG C . 6.25 11.96 13.46
C2 NAG C . 4.87 12.65 13.51
C3 NAG C . 3.78 11.77 12.84
C4 NAG C . 4.28 10.48 12.18
C5 NAG C . 5.62 10.60 11.43
C6 NAG C . 5.41 11.04 9.97
C7 NAG C . 3.50 13.87 15.13
C8 NAG C . 3.09 14.02 16.62
N2 NAG C . 4.45 12.95 14.89
O3 NAG C . 3.12 12.57 11.82
O4 NAG C . 4.48 9.50 13.23
O5 NAG C . 6.53 11.60 12.06
O6 NAG C . 6.71 11.11 9.35
O7 NAG C . 2.77 14.30 14.22
H1 NAG C . 6.26 11.07 14.09
H2 NAG C . 4.94 13.60 12.97
H3 NAG C . 3.02 11.51 13.58
H4 NAG C . 3.52 10.10 11.50
H5 NAG C . 6.11 9.63 11.43
H61 NAG C . 4.79 10.32 9.44
H62 NAG C . 4.94 12.02 9.93
H81 NAG C . 3.73 14.76 17.10
H82 NAG C . 2.06 14.36 16.69
H83 NAG C . 3.18 13.07 17.14
HN2 NAG C . 5.07 12.71 15.66
HO3 NAG C . 2.70 13.33 12.24
HO4 NAG C . 3.69 9.51 13.81
HO6 NAG C . 7.28 11.67 9.88
N LYS A 1 5.38 -10.45 -7.09
CA LYS A 1 6.07 -9.14 -6.93
C LYS A 1 6.84 -8.77 -8.20
N PRO A 2 6.20 -8.08 -9.16
CA PRO A 2 6.87 -7.64 -10.38
C PRO A 2 7.67 -6.37 -10.14
N ALA A 3 8.32 -5.85 -11.16
CA ALA A 3 8.97 -4.54 -11.05
C ALA A 3 7.94 -3.49 -10.58
N TRP A 4 6.69 -3.57 -11.02
CA TRP A 4 5.75 -2.53 -10.61
C TRP A 4 5.50 -2.42 -9.13
N CYS A 5 5.54 -3.53 -8.40
CA CYS A 5 5.40 -3.52 -6.95
C CYS A 5 6.23 -2.45 -6.26
N TRP A 6 7.48 -2.31 -6.62
CA TRP A 6 8.33 -1.39 -5.91
C TRP A 6 7.97 0.01 -6.30
N TYR A 7 7.58 0.16 -7.56
CA TYR A 7 7.22 1.44 -8.11
C TYR A 7 6.02 2.01 -7.43
N THR A 8 5.00 1.19 -7.39
CA THR A 8 3.72 1.44 -6.77
C THR A 8 3.95 1.84 -5.34
N LEU A 9 4.69 1.03 -4.60
CA LEU A 9 4.90 1.32 -3.19
C LEU A 9 5.68 2.61 -3.02
N ALA A 10 6.57 2.92 -3.95
CA ALA A 10 7.38 4.13 -3.83
C ALA A 10 6.54 5.37 -4.14
N MET A 11 5.71 5.30 -5.17
CA MET A 11 4.91 6.45 -5.59
C MET A 11 3.71 6.67 -4.68
N CYS A 12 3.32 5.67 -3.91
CA CYS A 12 2.25 5.86 -2.94
C CYS A 12 2.70 6.91 -1.93
N GLY A 13 3.98 6.88 -1.58
CA GLY A 13 4.53 7.81 -0.61
C GLY A 13 4.59 9.25 -1.09
N ALA A 14 4.27 9.49 -2.36
CA ALA A 14 4.24 10.83 -2.92
C ALA A 14 2.86 11.46 -2.65
N GLY A 15 2.07 10.80 -1.81
CA GLY A 15 0.74 11.28 -1.47
C GLY A 15 -0.33 10.69 -2.38
N TYR A 16 0.08 9.83 -3.30
CA TYR A 16 -0.85 9.18 -4.22
C TYR A 16 -1.68 8.15 -3.45
N ASP A 17 -0.98 7.31 -2.70
CA ASP A 17 -1.54 6.15 -1.97
C ASP A 17 -2.72 5.44 -2.63
N EW6 A 18 -3.97 5.93 -2.34
CA EW6 A 18 -5.21 5.31 -2.80
C EW6 A 18 -5.13 5.27 -4.32
O EW6 A 18 -4.56 6.11 -4.98
CB EW6 A 18 -6.42 6.14 -2.39
C4 EW6 A 18 -5.32 3.89 -2.18
OG EW6 A 18 -7.62 5.41 -2.74
H EW6 A 18 -4.02 6.77 -1.78
HB2 EW6 A 18 -6.39 6.35 -1.32
HB3 EW6 A 18 -6.40 7.09 -2.95
H7 EW6 A 18 -4.57 3.20 -2.59
H8 EW6 A 18 -6.31 3.45 -2.36
H9 EW6 A 18 -5.18 3.94 -1.10
N GLY A 19 -5.76 4.22 -4.90
CA GLY A 19 -5.73 4.02 -6.34
C GLY A 19 -4.49 3.35 -6.84
N THR A 20 -3.37 3.54 -6.15
CA THR A 20 -2.13 2.95 -6.56
C THR A 20 -1.86 1.76 -5.67
N CYS A 21 -1.72 1.99 -4.39
CA CYS A 21 -1.45 0.91 -3.47
C CYS A 21 -2.68 0.05 -3.30
N ASP A 22 -3.86 0.55 -3.47
CA ASP A 22 -5.05 -0.28 -3.22
C ASP A 22 -5.01 -1.37 -4.26
N TYR A 23 -4.92 -0.89 -5.46
CA TYR A 23 -4.90 -1.65 -6.66
C TYR A 23 -3.93 -2.71 -6.78
N MET A 24 -2.76 -2.23 -6.69
CA MET A 24 -1.66 -2.99 -6.97
C MET A 24 -1.24 -3.76 -5.80
N TYR A 25 -1.46 -3.29 -4.59
CA TYR A 25 -1.10 -4.07 -3.41
C TYR A 25 -2.03 -5.23 -3.43
N SER A 26 -3.26 -5.00 -3.93
CA SER A 26 -4.18 -6.14 -4.05
C SER A 26 -3.53 -7.25 -4.91
N HIS A 27 -2.72 -6.82 -5.87
CA HIS A 27 -2.01 -7.70 -6.81
C HIS A 27 -0.52 -7.93 -6.42
N CYS A 28 -0.05 -7.32 -5.35
CA CYS A 28 1.40 -7.22 -5.11
C CYS A 28 1.71 -8.23 -4.02
N PHE A 29 0.69 -8.50 -3.22
CA PHE A 29 0.79 -9.39 -2.07
C PHE A 29 -0.47 -10.23 -1.92
N GLY A 30 -0.39 -11.30 -1.14
CA GLY A 30 -1.54 -12.17 -0.94
C GLY A 30 -2.21 -11.81 0.36
N ILE A 31 -1.48 -11.04 1.14
CA ILE A 31 -1.96 -10.54 2.41
C ILE A 31 -2.07 -9.05 2.23
N LYS A 32 -3.28 -8.57 2.37
CA LYS A 32 -3.62 -7.17 2.14
C LYS A 32 -4.39 -6.63 3.34
N HIS A 33 -4.15 -7.27 4.48
CA HIS A 33 -4.95 -7.03 5.68
C HIS A 33 -4.10 -6.77 6.90
N HIS A 34 -2.93 -6.18 6.67
CA HIS A 34 -1.98 -5.94 7.74
C HIS A 34 -1.37 -4.53 7.63
N SER A 35 -2.17 -3.59 7.14
CA SER A 35 -1.73 -2.21 6.94
C SER A 35 -2.95 -1.31 7.07
N SER A 36 -2.71 0.00 7.17
CA SER A 36 -3.75 1.03 7.33
C SER A 36 -4.63 0.81 8.56
N GLY A 37 -5.80 1.43 8.60
CA GLY A 37 -6.71 1.29 9.74
C GLY A 37 -6.11 1.76 11.05
N SER A 38 -5.24 2.74 10.98
CA SER A 38 -4.52 3.24 12.15
C SER A 38 -4.46 4.75 12.16
N SER A 39 -4.21 5.32 13.34
CA SER A 39 -4.08 6.77 13.56
C SER A 39 -5.24 7.65 13.08
N SER A 40 -6.40 7.05 12.87
CA SER A 40 -7.58 7.76 12.40
C SER A 40 -8.33 8.45 13.55
N TYR A 41 -7.61 9.25 14.33
CA TYR A 41 -8.17 9.92 15.52
C TYR A 41 -9.11 11.09 15.22
N HIS A 42 -9.67 11.11 14.02
CA HIS A 42 -10.54 12.17 13.54
C HIS A 42 -11.66 11.53 12.71
N CYS A 43 -11.93 10.27 13.01
CA CYS A 43 -12.88 9.47 12.25
C CYS A 43 -13.61 8.58 13.24
C1 NAG B . -8.79 5.69 -1.92
C2 NAG B . -8.64 4.94 -0.57
C3 NAG B . -9.46 5.62 0.56
C4 NAG B . -10.58 6.53 0.02
C5 NAG B . -10.12 7.57 -1.02
C6 NAG B . -9.86 8.94 -0.40
C7 NAG B . -8.32 2.53 -0.28
C8 NAG B . -8.97 1.13 -0.36
N2 NAG B . -9.08 3.54 -0.72
O3 NAG B . -8.57 6.44 1.36
O4 NAG B . -11.56 5.67 -0.60
O5 NAG B . -8.86 7.14 -1.67
O6 NAG B . -11.12 9.48 0.04
O7 NAG B . -7.22 2.70 0.26
H1 NAG B . -9.68 5.36 -2.45
H2 NAG B . -7.59 4.96 -0.27
H3 NAG B . -9.89 4.85 1.21
H4 NAG B . -11.06 7.03 0.86
H5 NAG B . -10.90 7.68 -1.79
H61 NAG B . -9.18 8.87 0.45
H62 NAG B . -9.42 9.62 -1.14
H81 NAG B . -8.21 0.36 -0.19
H82 NAG B . -9.42 0.98 -1.35
H83 NAG B . -9.75 1.05 0.40
HN2 NAG B . -9.99 3.36 -1.10
HO3 NAG B . -8.01 5.87 1.91
HO4 NAG B . -12.37 6.17 -0.74
HO6 NAG B . -10.96 10.32 0.47
C1 NAG C . -13.29 6.07 11.32
C2 NAG C . -14.21 5.00 10.69
C3 NAG C . -13.43 3.73 10.26
C4 NAG C . -12.51 3.17 11.37
C5 NAG C . -12.05 4.24 12.36
C6 NAG C . -10.68 3.94 12.98
C7 NAG C . -16.44 4.17 11.28
C8 NAG C . -17.46 3.94 12.41
N2 NAG C . -15.25 4.63 11.68
O3 NAG C . -12.57 4.09 9.13
O4 NAG C . -13.25 2.17 12.10
O5 NAG C . -11.95 5.51 11.60
O6 NAG C . -10.44 4.89 14.03
O7 NAG C . -16.65 3.76 10.14
H1 NAG C . -13.73 6.41 12.24
H2 NAG C . -14.71 5.42 9.82
H3 NAG C . -14.12 2.95 9.94
H4 NAG C . -11.64 2.68 10.91
H5 NAG C . -12.78 4.36 13.16
H61 NAG C . -10.67 2.93 13.41
H62 NAG C . -9.90 4.00 12.23
H81 NAG C . -18.44 3.74 12.00
H82 NAG C . -17.14 3.09 13.01
H83 NAG C . -17.53 4.83 13.05
HN2 NAG C . -15.17 5.05 12.59
HO3 NAG C . -11.91 4.74 9.41
HO4 NAG C . -13.59 1.50 11.50
HO6 NAG C . -10.86 5.74 13.81
N LYS A 1 6.25 -10.98 -7.48
CA LYS A 1 6.55 -9.54 -7.30
C LYS A 1 7.17 -8.96 -8.57
N PRO A 2 6.42 -8.16 -9.36
CA PRO A 2 6.99 -7.59 -10.57
C PRO A 2 7.83 -6.37 -10.24
N ALA A 3 8.40 -5.75 -11.26
CA ALA A 3 9.05 -4.45 -11.07
C ALA A 3 8.00 -3.45 -10.57
N TRP A 4 6.75 -3.56 -11.03
CA TRP A 4 5.79 -2.55 -10.63
C TRP A 4 5.52 -2.44 -9.14
N CYS A 5 5.55 -3.54 -8.42
CA CYS A 5 5.39 -3.54 -6.97
C CYS A 5 6.20 -2.46 -6.28
N TRP A 6 7.48 -2.32 -6.63
CA TRP A 6 8.30 -1.41 -5.89
C TRP A 6 7.94 -0.01 -6.29
N TYR A 7 7.58 0.15 -7.54
CA TYR A 7 7.23 1.44 -8.09
C TYR A 7 6.02 2.01 -7.43
N THR A 8 5.01 1.17 -7.38
CA THR A 8 3.73 1.44 -6.78
C THR A 8 3.94 1.83 -5.34
N LEU A 9 4.71 1.04 -4.61
CA LEU A 9 4.93 1.35 -3.20
C LEU A 9 5.69 2.67 -3.04
N ALA A 10 6.58 2.96 -3.97
CA ALA A 10 7.38 4.16 -3.87
C ALA A 10 6.53 5.41 -4.16
N MET A 11 5.69 5.33 -5.18
CA MET A 11 4.87 6.48 -5.57
C MET A 11 3.69 6.67 -4.62
N CYS A 12 3.33 5.64 -3.87
CA CYS A 12 2.28 5.80 -2.87
C CYS A 12 2.77 6.82 -1.83
N GLY A 13 4.04 6.75 -1.50
CA GLY A 13 4.63 7.65 -0.51
C GLY A 13 4.74 9.09 -1.00
N ALA A 14 4.42 9.34 -2.26
CA ALA A 14 4.43 10.70 -2.80
C ALA A 14 3.06 11.36 -2.54
N GLY A 15 2.24 10.71 -1.73
CA GLY A 15 0.92 11.23 -1.39
C GLY A 15 -0.18 10.67 -2.27
N TYR A 16 0.17 9.78 -3.19
CA TYR A 16 -0.81 9.17 -4.07
C TYR A 16 -1.63 8.15 -3.29
N ASP A 17 -0.91 7.27 -2.59
CA ASP A 17 -1.48 6.12 -1.88
C ASP A 17 -2.66 5.42 -2.55
N EW6 A 18 -3.91 5.84 -2.18
CA EW6 A 18 -5.13 5.19 -2.63
C EW6 A 18 -5.14 5.26 -4.16
O EW6 A 18 -4.61 6.17 -4.78
CB EW6 A 18 -6.38 5.91 -2.09
C4 EW6 A 18 -5.13 3.72 -2.12
OG EW6 A 18 -7.54 5.09 -2.39
H EW6 A 18 -3.96 6.64 -1.57
HB2 EW6 A 18 -6.28 6.06 -1.01
HB3 EW6 A 18 -6.47 6.88 -2.58
H7 EW6 A 18 -6.09 3.24 -2.27
H8 EW6 A 18 -4.92 3.69 -1.04
H9 EW6 A 18 -4.36 3.12 -2.62
N GLY A 19 -5.73 4.21 -4.80
CA GLY A 19 -5.72 4.11 -6.23
C GLY A 19 -4.50 3.43 -6.79
N THR A 20 -3.38 3.59 -6.10
CA THR A 20 -2.15 2.99 -6.55
C THR A 20 -1.89 1.78 -5.68
N CYS A 21 -1.72 2.00 -4.39
CA CYS A 21 -1.46 0.91 -3.48
C CYS A 21 -2.67 0.00 -3.38
N ASP A 22 -3.87 0.51 -3.38
CA ASP A 22 -5.04 -0.34 -3.18
C ASP A 22 -5.04 -1.41 -4.25
N TYR A 23 -4.94 -0.88 -5.44
CA TYR A 23 -4.93 -1.62 -6.67
C TYR A 23 -3.97 -2.69 -6.78
N MET A 24 -2.78 -2.23 -6.68
CA MET A 24 -1.68 -2.98 -6.96
C MET A 24 -1.26 -3.80 -5.82
N TYR A 25 -1.47 -3.32 -4.61
CA TYR A 25 -1.12 -4.10 -3.42
C TYR A 25 -2.07 -5.25 -3.46
N SER A 26 -3.29 -5.00 -3.95
CA SER A 26 -4.22 -6.13 -4.08
C SER A 26 -3.57 -7.25 -4.91
N HIS A 27 -2.77 -6.85 -5.89
CA HIS A 27 -2.05 -7.76 -6.79
C HIS A 27 -0.55 -8.00 -6.42
N CYS A 28 -0.05 -7.34 -5.37
CA CYS A 28 1.39 -7.23 -5.16
C CYS A 28 1.72 -8.23 -4.07
N PHE A 29 0.70 -8.52 -3.27
CA PHE A 29 0.82 -9.41 -2.14
C PHE A 29 -0.40 -10.31 -2.01
N GLY A 30 -0.24 -11.43 -1.33
CA GLY A 30 -1.36 -12.35 -1.13
C GLY A 30 -2.01 -12.07 0.20
N ILE A 31 -1.26 -11.37 1.04
CA ILE A 31 -1.71 -10.97 2.34
C ILE A 31 -1.85 -9.46 2.27
N LYS A 32 -3.08 -9.03 2.44
CA LYS A 32 -3.43 -7.63 2.27
C LYS A 32 -4.07 -7.07 3.52
N HIS A 33 -3.77 -7.75 4.63
CA HIS A 33 -4.22 -7.35 5.94
C HIS A 33 -2.92 -7.18 6.72
N HIS A 34 -2.59 -5.96 7.08
CA HIS A 34 -1.32 -5.65 7.73
C HIS A 34 -1.50 -4.44 8.64
N SER A 35 -2.63 -4.41 9.32
CA SER A 35 -2.93 -3.34 10.26
C SER A 35 -2.06 -3.55 11.49
N SER A 36 -1.66 -2.47 12.14
CA SER A 36 -0.81 -2.54 13.32
C SER A 36 -1.15 -1.34 14.18
N GLY A 37 -0.71 -1.37 15.43
CA GLY A 37 -0.95 -0.28 16.35
C GLY A 37 0.19 0.71 16.37
N SER A 38 0.69 1.00 17.57
CA SER A 38 1.79 1.95 17.82
C SER A 38 1.33 3.39 17.60
N SER A 39 2.02 4.33 18.25
CA SER A 39 1.69 5.76 18.23
C SER A 39 0.28 6.08 18.76
N SER A 40 -0.39 5.07 19.30
CA SER A 40 -1.74 5.18 19.86
C SER A 40 -1.71 5.76 21.26
N TYR A 41 -1.07 6.91 21.41
CA TYR A 41 -0.96 7.57 22.71
C TYR A 41 -2.23 8.38 23.00
N HIS A 42 -3.16 8.34 22.06
CA HIS A 42 -4.41 9.09 22.15
C HIS A 42 -5.55 8.28 21.52
N CYS A 43 -5.35 6.96 21.44
CA CYS A 43 -6.27 6.09 20.71
C CYS A 43 -6.28 4.73 21.39
C1 NAG B . -8.56 5.03 -1.35
C2 NAG B . -8.06 4.15 -0.16
C3 NAG B . -8.70 4.55 1.18
C4 NAG B . -10.05 5.26 1.00
C5 NAG B . -10.01 6.48 0.03
C6 NAG B . -9.91 7.81 0.80
C7 NAG B . -7.51 1.78 0.01
C8 NAG B . -8.12 0.36 0.14
N2 NAG B . -8.34 2.73 -0.44
O3 NAG B . -7.81 5.46 1.88
O4 NAG B . -10.98 4.29 0.44
O5 NAG B . -8.83 6.39 -0.87
O6 NAG B . -11.13 8.00 1.52
O7 NAG B . -6.40 2.02 0.49
H1 NAG B . -9.48 4.60 -1.78
H2 NAG B . -6.98 4.29 -0.07
H3 NAG B . -8.84 3.66 1.80
H4 NAG B . -10.43 5.58 1.97
H5 NAG B . -10.92 6.49 -0.57
H61 NAG B . -9.07 7.79 1.49
H62 NAG B . -9.77 8.63 0.09
H81 NAG B . -8.93 0.23 -0.58
H82 NAG B . -8.53 0.23 1.15
H83 NAG B . -7.36 -0.39 -0.02
HN2 NAG B . -9.26 2.48 -0.71
HO3 NAG B . -7.07 4.97 2.25
HO4 NAG B . -11.87 4.64 0.51
HO6 NAG B . -11.07 8.80 2.04
C1 NAG C . -5.88 5.33 16.54
C2 NAG C . -5.49 6.79 16.17
C3 NAG C . -3.98 6.95 15.84
C4 NAG C . -3.43 5.77 15.03
C5 NAG C . -3.80 4.38 15.58
C6 NAG C . -2.57 3.60 16.00
C7 NAG C . -6.88 8.43 14.99
C8 NAG C . -7.67 8.76 13.71
N2 NAG C . -6.28 7.23 15.00
O3 NAG C . -3.23 7.03 17.09
O4 NAG C . -3.99 5.87 13.69
O5 NAG C . -4.67 4.52 16.77
O6 NAG C . -1.75 3.38 14.84
O7 NAG C . -6.92 9.18 15.98
H1 NAG C . -6.47 4.89 15.73
H2 NAG C . -5.72 7.44 17.00
H3 NAG C . -3.83 7.88 15.29
H4 NAG C . -2.35 5.86 14.95
H5 NAG C . -4.34 3.82 14.82
H61 NAG C . -2.01 4.16 16.74
H62 NAG C . -2.85 2.63 16.43
H81 NAG C . -8.54 8.10 13.63
H82 NAG C . -8.00 9.80 13.73
H83 NAG C . -7.02 8.61 12.83
HN2 NAG C . -6.10 6.77 14.13
HO3 NAG C . -2.97 7.95 17.26
HO4 NAG C . -3.49 5.29 13.11
HO6 NAG C . -0.89 3.05 15.12
N LYS A 1 6.40 -11.85 -8.53
CA LYS A 1 6.40 -10.41 -8.15
C LYS A 1 6.90 -9.57 -9.32
N PRO A 2 6.19 -8.48 -9.69
CA PRO A 2 6.63 -7.64 -10.81
C PRO A 2 7.72 -6.65 -10.44
N ALA A 3 8.15 -5.87 -11.42
CA ALA A 3 8.92 -4.66 -11.14
C ALA A 3 7.95 -3.63 -10.55
N TRP A 4 6.70 -3.60 -11.03
CA TRP A 4 5.80 -2.54 -10.61
C TRP A 4 5.53 -2.43 -9.13
N CYS A 5 5.54 -3.53 -8.41
CA CYS A 5 5.41 -3.53 -6.95
C CYS A 5 6.21 -2.44 -6.27
N TRP A 6 7.49 -2.32 -6.62
CA TRP A 6 8.31 -1.40 -5.89
C TRP A 6 7.95 0.01 -6.28
N TYR A 7 7.58 0.15 -7.54
CA TYR A 7 7.23 1.44 -8.10
C TYR A 7 6.02 2.01 -7.43
N THR A 8 5.00 1.19 -7.39
CA THR A 8 3.73 1.45 -6.78
C THR A 8 3.94 1.85 -5.35
N LEU A 9 4.69 1.04 -4.61
CA LEU A 9 4.91 1.35 -3.20
C LEU A 9 5.67 2.65 -3.03
N ALA A 10 6.57 2.94 -3.97
CA ALA A 10 7.38 4.15 -3.85
C ALA A 10 6.54 5.39 -4.14
N MET A 11 5.71 5.32 -5.17
CA MET A 11 4.90 6.46 -5.56
C MET A 11 3.72 6.67 -4.63
N CYS A 12 3.33 5.63 -3.89
CA CYS A 12 2.26 5.78 -2.90
C CYS A 12 2.70 6.80 -1.86
N GLY A 13 3.97 6.74 -1.48
CA GLY A 13 4.52 7.62 -0.46
C GLY A 13 4.60 9.08 -0.88
N ALA A 14 4.32 9.37 -2.15
CA ALA A 14 4.28 10.74 -2.64
C ALA A 14 2.88 11.34 -2.41
N GLY A 15 2.06 10.64 -1.64
CA GLY A 15 0.71 11.09 -1.35
C GLY A 15 -0.30 10.53 -2.33
N TYR A 16 0.17 9.72 -3.26
CA TYR A 16 -0.71 9.11 -4.26
C TYR A 16 -1.57 8.04 -3.57
N ASP A 17 -0.94 7.28 -2.68
CA ASP A 17 -1.54 6.13 -1.98
C ASP A 17 -2.73 5.43 -2.63
N EW6 A 18 -3.98 5.93 -2.32
CA EW6 A 18 -5.21 5.29 -2.77
C EW6 A 18 -5.16 5.25 -4.30
O EW6 A 18 -4.62 6.08 -4.98
CB EW6 A 18 -6.46 6.10 -2.38
C4 EW6 A 18 -5.31 3.87 -2.14
OG EW6 A 18 -7.63 5.36 -2.78
H EW6 A 18 -4.02 6.78 -1.76
HB2 EW6 A 18 -6.46 6.26 -1.29
HB3 EW6 A 18 -6.41 7.04 -2.90
H7 EW6 A 18 -5.12 3.93 -1.06
H8 EW6 A 18 -4.58 3.19 -2.57
H9 EW6 A 18 -6.31 3.44 -2.29
N GLY A 19 -5.76 4.17 -4.86
CA GLY A 19 -5.75 3.95 -6.29
C GLY A 19 -4.50 3.28 -6.79
N THR A 20 -3.38 3.50 -6.11
CA THR A 20 -2.13 2.92 -6.52
C THR A 20 -1.87 1.73 -5.62
N CYS A 21 -1.73 1.95 -4.33
CA CYS A 21 -1.46 0.86 -3.42
C CYS A 21 -2.69 0.01 -3.23
N ASP A 22 -3.88 0.51 -3.38
CA ASP A 22 -5.06 -0.32 -3.14
C ASP A 22 -5.02 -1.42 -4.18
N TYR A 23 -4.92 -0.92 -5.39
CA TYR A 23 -4.92 -1.70 -6.58
C TYR A 23 -3.95 -2.76 -6.70
N MET A 24 -2.77 -2.26 -6.63
CA MET A 24 -1.67 -3.00 -6.92
C MET A 24 -1.24 -3.78 -5.76
N TYR A 25 -1.45 -3.30 -4.55
CA TYR A 25 -1.07 -4.10 -3.39
C TYR A 25 -2.00 -5.26 -3.39
N SER A 26 -3.24 -5.03 -3.85
CA SER A 26 -4.15 -6.17 -3.96
C SER A 26 -3.54 -7.24 -4.90
N HIS A 27 -2.77 -6.78 -5.87
CA HIS A 27 -2.09 -7.65 -6.84
C HIS A 27 -0.59 -7.92 -6.51
N CYS A 28 -0.06 -7.33 -5.44
CA CYS A 28 1.39 -7.26 -5.22
C CYS A 28 1.69 -8.31 -4.16
N PHE A 29 0.65 -8.62 -3.40
CA PHE A 29 0.70 -9.56 -2.30
C PHE A 29 -0.63 -10.29 -2.32
N GLY A 30 -0.72 -11.43 -1.65
CA GLY A 30 -1.98 -12.17 -1.65
C GLY A 30 -2.68 -11.94 -0.34
N ILE A 31 -1.95 -11.32 0.57
CA ILE A 31 -2.47 -10.99 1.86
C ILE A 31 -2.27 -9.51 2.06
N LYS A 32 -3.39 -8.83 2.22
CA LYS A 32 -3.41 -7.39 2.41
C LYS A 32 -4.20 -7.14 3.69
N HIS A 33 -4.29 -8.20 4.45
CA HIS A 33 -5.18 -8.28 5.62
C HIS A 33 -4.38 -8.28 6.91
N HIS A 34 -3.50 -7.30 7.03
CA HIS A 34 -2.58 -7.21 8.17
C HIS A 34 -2.50 -5.76 8.65
N SER A 35 -3.55 -5.00 8.35
CA SER A 35 -3.63 -3.61 8.78
C SER A 35 -4.35 -3.61 10.14
N SER A 36 -4.16 -2.57 10.93
CA SER A 36 -4.80 -2.49 12.24
C SER A 36 -5.00 -1.02 12.59
N GLY A 37 -5.91 -0.74 13.51
CA GLY A 37 -6.18 0.62 13.95
C GLY A 37 -5.17 1.13 14.97
N SER A 38 -3.89 0.91 14.70
CA SER A 38 -2.84 1.33 15.62
C SER A 38 -2.87 2.85 15.73
N SER A 39 -2.83 3.33 16.97
CA SER A 39 -2.89 4.77 17.29
C SER A 39 -4.17 5.49 16.85
N SER A 40 -5.13 4.78 16.32
CA SER A 40 -6.40 5.37 15.86
C SER A 40 -7.37 5.56 17.02
N TYR A 41 -6.89 6.17 18.08
CA TYR A 41 -7.71 6.38 19.28
C TYR A 41 -8.60 7.61 19.12
N HIS A 42 -8.64 8.15 17.91
CA HIS A 42 -9.40 9.36 17.64
C HIS A 42 -9.86 9.42 16.18
N CYS A 43 -9.87 8.27 15.51
CA CYS A 43 -10.18 8.21 14.08
C CYS A 43 -10.72 6.82 13.76
C1 NAG B . -8.90 5.83 -2.26
C2 NAG B . -9.10 5.32 -0.82
C3 NAG B . -10.38 5.90 -0.23
C4 NAG B . -10.41 7.43 -0.34
C5 NAG B . -10.16 7.91 -1.78
C6 NAG B . -10.04 9.44 -1.88
C7 NAG B . -8.25 3.08 -0.23
C8 NAG B . -8.51 1.56 -0.25
N2 NAG B . -9.19 3.84 -0.81
O3 NAG B . -10.48 5.55 1.18
O4 NAG B . -11.72 7.87 0.06
O5 NAG B . -8.89 7.31 -2.27
O6 NAG B . -8.83 9.85 -1.22
O7 NAG B . -7.35 3.57 0.44
H1 NAG B . -9.70 5.48 -2.90
H2 NAG B . -8.25 5.64 -0.20
H3 NAG B . -11.24 5.49 -0.77
H4 NAG B . -9.66 7.86 0.33
H5 NAG B . -10.98 7.57 -2.41
H61 NAG B . -10.00 9.75 -2.92
H62 NAG B . -10.90 9.92 -1.41
H81 NAG B . -7.56 1.04 -0.25
H82 NAG B . -9.07 1.29 -1.14
H83 NAG B . -9.08 1.28 0.64
HN2 NAG B . -9.87 3.40 -1.43
HO3 NAG B . -10.27 4.62 1.30
HO4 NAG B . -11.87 7.55 0.96
HO6 NAG B . -8.07 9.45 -1.67
C1 NAG C . -7.30 8.68 10.99
C2 NAG C . -6.56 7.31 11.18
C3 NAG C . -6.48 6.53 9.85
C4 NAG C . -5.80 7.35 8.73
C5 NAG C . -5.99 8.86 8.89
C6 NAG C . -6.01 9.60 7.54
C7 NAG C . -4.94 7.71 12.97
C8 NAG C . -3.46 7.61 13.38
N2 NAG C . -5.18 7.53 11.66
O3 NAG C . -7.82 6.18 9.40
O4 NAG C . -4.38 7.10 8.80
O5 NAG C . -7.28 9.11 9.56
O6 NAG C . -4.73 9.39 6.92
O7 NAG C . -5.78 8.16 13.74
H1 NAG C . -6.84 9.46 11.60
H2 NAG C . -7.09 6.71 11.91
H3 NAG C . -5.92 5.60 10.01
H4 NAG C . -6.17 7.02 7.76
H5 NAG C . -5.20 9.28 9.52
H61 NAG C . -6.79 9.20 6.91
H62 NAG C . -6.17 10.66 7.69
H81 NAG C . -2.90 8.42 12.90
H82 NAG C . -3.36 7.71 14.46
H83 NAG C . -3.05 6.65 13.08
HN2 NAG C . -4.44 7.21 11.06
HO3 NAG C . -8.42 6.92 9.48
HO4 NAG C . -3.95 7.57 8.07
HO6 NAG C . -4.70 9.84 6.07
N LYS A 1 5.46 -10.48 -7.10
CA LYS A 1 6.14 -9.15 -6.97
C LYS A 1 6.86 -8.78 -8.27
N PRO A 2 6.18 -8.08 -9.20
CA PRO A 2 6.82 -7.63 -10.42
C PRO A 2 7.64 -6.36 -10.19
N ALA A 3 8.27 -5.84 -11.22
CA ALA A 3 8.92 -4.53 -11.10
C ALA A 3 7.91 -3.49 -10.61
N TRP A 4 6.66 -3.57 -11.03
CA TRP A 4 5.73 -2.52 -10.61
C TRP A 4 5.49 -2.42 -9.12
N CYS A 5 5.53 -3.52 -8.40
CA CYS A 5 5.40 -3.53 -6.95
C CYS A 5 6.21 -2.45 -6.26
N TRP A 6 7.48 -2.31 -6.63
CA TRP A 6 8.33 -1.40 -5.90
C TRP A 6 7.97 0.01 -6.30
N TYR A 7 7.58 0.15 -7.54
CA TYR A 7 7.24 1.45 -8.11
C TYR A 7 6.03 2.03 -7.43
N THR A 8 5.01 1.21 -7.40
CA THR A 8 3.74 1.47 -6.80
C THR A 8 3.95 1.85 -5.37
N LEU A 9 4.68 1.03 -4.62
CA LEU A 9 4.87 1.32 -3.21
C LEU A 9 5.65 2.60 -3.02
N ALA A 10 6.55 2.91 -3.95
CA ALA A 10 7.37 4.11 -3.81
C ALA A 10 6.53 5.36 -4.11
N MET A 11 5.71 5.29 -5.15
CA MET A 11 4.92 6.45 -5.55
C MET A 11 3.72 6.67 -4.64
N CYS A 12 3.31 5.66 -3.89
CA CYS A 12 2.22 5.82 -2.92
C CYS A 12 2.63 6.88 -1.89
N GLY A 13 3.90 6.84 -1.49
CA GLY A 13 4.41 7.77 -0.49
C GLY A 13 4.47 9.21 -0.94
N ALA A 14 4.20 9.47 -2.21
CA ALA A 14 4.17 10.82 -2.75
C ALA A 14 2.76 11.43 -2.55
N GLY A 15 1.95 10.74 -1.76
CA GLY A 15 0.58 11.19 -1.50
C GLY A 15 -0.40 10.60 -2.50
N TYR A 16 0.11 9.76 -3.39
CA TYR A 16 -0.73 9.12 -4.40
C TYR A 16 -1.60 8.05 -3.74
N ASP A 17 -1.00 7.32 -2.80
CA ASP A 17 -1.60 6.19 -2.08
C ASP A 17 -2.79 5.48 -2.73
N EW6 A 18 -4.05 5.99 -2.41
CA EW6 A 18 -5.30 5.36 -2.84
C EW6 A 18 -5.27 5.31 -4.38
O EW6 A 18 -4.79 6.18 -5.06
CB EW6 A 18 -6.50 6.23 -2.39
C4 EW6 A 18 -5.40 3.94 -2.21
OG EW6 A 18 -7.67 5.38 -2.32
H EW6 A 18 -4.07 6.83 -1.85
HB2 EW6 A 18 -6.27 6.65 -1.40
HB3 EW6 A 18 -6.65 7.04 -3.10
H7 EW6 A 18 -5.30 4.00 -1.12
H8 EW6 A 18 -4.60 3.27 -2.56
H9 EW6 A 18 -6.35 3.45 -2.43
N GLY A 19 -5.80 4.17 -4.94
CA GLY A 19 -5.76 3.96 -6.37
C GLY A 19 -4.51 3.28 -6.85
N THR A 20 -3.40 3.52 -6.19
CA THR A 20 -2.15 2.92 -6.57
C THR A 20 -1.88 1.75 -5.66
N CYS A 21 -1.75 2.00 -4.37
CA CYS A 21 -1.49 0.93 -3.43
C CYS A 21 -2.70 0.07 -3.23
N ASP A 22 -3.90 0.55 -3.41
CA ASP A 22 -5.06 -0.30 -3.14
C ASP A 22 -5.01 -1.41 -4.16
N TYR A 23 -4.94 -0.92 -5.38
CA TYR A 23 -4.93 -1.72 -6.56
C TYR A 23 -3.93 -2.76 -6.68
N MET A 24 -2.77 -2.25 -6.61
CA MET A 24 -1.66 -2.99 -6.89
C MET A 24 -1.22 -3.74 -5.72
N TYR A 25 -1.41 -3.23 -4.51
CA TYR A 25 -0.99 -3.97 -3.34
C TYR A 25 -1.90 -5.16 -3.29
N SER A 26 -3.15 -4.96 -3.74
CA SER A 26 -4.05 -6.12 -3.80
C SER A 26 -3.41 -7.23 -4.66
N HIS A 27 -2.67 -6.81 -5.68
CA HIS A 27 -1.99 -7.71 -6.61
C HIS A 27 -0.48 -7.92 -6.30
N CYS A 28 0.03 -7.28 -5.26
CA CYS A 28 1.47 -7.15 -5.07
C CYS A 28 1.82 -8.19 -4.01
N PHE A 29 0.82 -8.51 -3.21
CA PHE A 29 0.94 -9.43 -2.11
C PHE A 29 -0.31 -10.31 -2.05
N GLY A 30 -0.22 -11.44 -1.36
CA GLY A 30 -1.36 -12.35 -1.27
C GLY A 30 -1.97 -12.24 0.10
N ILE A 31 -1.16 -11.80 1.05
CA ILE A 31 -1.59 -11.59 2.41
C ILE A 31 -1.52 -10.09 2.58
N LYS A 32 -2.69 -9.53 2.84
CA LYS A 32 -2.85 -8.08 2.92
C LYS A 32 -3.59 -7.67 4.19
N HIS A 33 -3.51 -8.55 5.17
CA HIS A 33 -4.19 -8.36 6.46
C HIS A 33 -3.14 -8.32 7.56
N HIS A 34 -2.46 -7.20 7.69
CA HIS A 34 -1.36 -7.05 8.64
C HIS A 34 -1.21 -5.59 9.09
N SER A 35 -2.34 -4.95 9.31
CA SER A 35 -2.35 -3.56 9.78
C SER A 35 -2.08 -3.55 11.28
N SER A 36 -1.33 -2.56 11.75
CA SER A 36 -0.98 -2.47 13.17
C SER A 36 -2.01 -1.70 14.00
N GLY A 37 -2.45 -0.56 13.49
CA GLY A 37 -3.42 0.27 14.20
C GLY A 37 -2.94 0.86 15.53
N SER A 38 -1.63 0.81 15.77
CA SER A 38 -1.03 1.26 17.04
C SER A 38 -1.21 2.75 17.39
N SER A 39 -1.78 3.55 16.49
CA SER A 39 -2.01 4.97 16.76
C SER A 39 -3.33 5.47 16.19
N SER A 40 -4.15 4.56 15.66
CA SER A 40 -5.42 4.94 15.04
C SER A 40 -6.52 4.95 16.10
N TYR A 41 -6.36 5.82 17.09
CA TYR A 41 -7.33 5.94 18.17
C TYR A 41 -8.33 7.08 17.88
N HIS A 42 -8.10 7.76 16.77
CA HIS A 42 -8.93 8.89 16.35
C HIS A 42 -9.02 8.94 14.83
N CYS A 43 -8.74 7.80 14.20
CA CYS A 43 -8.68 7.68 12.75
C CYS A 43 -8.97 6.22 12.48
C1 NAG B . -8.85 5.96 -1.71
C2 NAG B . -8.63 6.18 -0.18
C3 NAG B . -9.47 7.35 0.37
C4 NAG B . -10.74 7.62 -0.46
C5 NAG B . -10.48 7.78 -1.99
C6 NAG B . -10.52 9.25 -2.42
C7 NAG B . -8.05 4.14 1.06
C8 NAG B . -8.58 2.91 1.84
N2 NAG B . -8.99 4.94 0.55
O3 NAG B . -8.67 8.57 0.33
O4 NAG B . -11.60 6.47 -0.28
O5 NAG B . -9.14 7.24 -2.35
O6 NAG B . -11.88 9.71 -2.27
O7 NAG B . -6.85 4.39 0.99
H1 NAG B . -9.70 5.29 -1.87
H2 NAG B . -7.59 6.40 0.02
H3 NAG B . -9.74 7.16 1.40
H4 NAG B . -11.25 8.49 -0.07
H5 NAG B . -11.24 7.22 -2.54
H61 NAG B . -9.86 9.85 -1.80
H62 NAG B . -10.21 9.34 -3.46
H81 NAG B . -9.26 2.34 1.21
H82 NAG B . -9.11 3.26 2.73
H83 NAG B . -7.75 2.27 2.14
HN2 NAG B . -9.97 4.69 0.60
HO3 NAG B . -8.01 8.56 1.05
HO4 NAG B . -12.49 6.69 -0.60
HO6 NAG B . -11.91 10.64 -2.49
C1 NAG C . -5.12 9.81 11.79
C2 NAG C . -4.68 9.05 10.51
C3 NAG C . -4.56 9.98 9.29
C4 NAG C . -3.59 11.15 9.56
C5 NAG C . -3.44 11.50 11.05
C6 NAG C . -3.07 12.97 11.27
C7 NAG C . -3.26 7.24 11.39
C8 NAG C . -1.83 6.67 11.50
N2 NAG C . -3.37 8.41 10.72
O3 NAG C . -5.87 10.54 8.98
O4 NAG C . -2.29 10.74 9.10
O5 NAG C . -4.71 11.24 11.75
O6 NAG C . -1.80 13.21 10.63
O7 NAG C . -4.19 6.75 12.02
H1 NAG C . -4.70 9.35 12.68
H2 NAG C . -5.40 8.27 10.28
H3 NAG C . -4.22 9.42 8.42
H4 NAG C . -3.90 12.03 9.00
H5 NAG C . -2.67 10.87 11.51
H61 NAG C . -3.83 13.62 10.83
H62 NAG C . -2.99 13.19 12.33
H81 NAG C . -1.23 7.32 12.14
H82 NAG C . -1.86 5.67 11.91
H83 NAG C . -1.38 6.63 10.50
HN2 NAG C . -2.58 8.77 10.22
HO3 NAG C . -6.40 9.92 8.48
HO4 NAG C . -1.68 11.49 9.19
HO6 NAG C . -1.55 14.14 10.76
N LYS A 1 6.45 -11.44 -8.10
CA LYS A 1 6.51 -9.98 -7.80
C LYS A 1 7.10 -9.24 -9.00
N PRO A 2 6.35 -8.29 -9.60
CA PRO A 2 6.87 -7.58 -10.77
C PRO A 2 7.81 -6.46 -10.39
N ALA A 3 8.31 -5.75 -11.40
CA ALA A 3 8.98 -4.49 -11.15
C ALA A 3 7.95 -3.49 -10.60
N TRP A 4 6.70 -3.55 -11.06
CA TRP A 4 5.75 -2.54 -10.64
C TRP A 4 5.50 -2.42 -9.15
N CYS A 5 5.52 -3.54 -8.44
CA CYS A 5 5.39 -3.54 -6.99
C CYS A 5 6.20 -2.46 -6.30
N TRP A 6 7.47 -2.34 -6.65
CA TRP A 6 8.30 -1.43 -5.92
C TRP A 6 7.95 -0.02 -6.29
N TYR A 7 7.58 0.15 -7.54
CA TYR A 7 7.24 1.45 -8.08
C TYR A 7 6.03 2.01 -7.41
N THR A 8 5.01 1.19 -7.39
CA THR A 8 3.74 1.45 -6.78
C THR A 8 3.95 1.83 -5.34
N LEU A 9 4.71 1.03 -4.61
CA LEU A 9 4.91 1.31 -3.20
C LEU A 9 5.66 2.63 -3.02
N ALA A 10 6.56 2.94 -3.95
CA ALA A 10 7.35 4.15 -3.84
C ALA A 10 6.52 5.40 -4.15
N MET A 11 5.70 5.32 -5.19
CA MET A 11 4.91 6.48 -5.61
C MET A 11 3.71 6.73 -4.71
N CYS A 12 3.32 5.75 -3.91
CA CYS A 12 2.23 5.96 -2.95
C CYS A 12 2.64 7.05 -1.97
N GLY A 13 3.90 7.08 -1.61
CA GLY A 13 4.41 8.07 -0.66
C GLY A 13 4.41 9.50 -1.16
N ALA A 14 4.09 9.69 -2.43
CA ALA A 14 3.99 11.03 -3.02
C ALA A 14 2.58 11.59 -2.77
N GLY A 15 1.82 10.92 -1.91
CA GLY A 15 0.45 11.32 -1.62
C GLY A 15 -0.53 10.69 -2.58
N TYR A 16 -0.01 9.85 -3.46
CA TYR A 16 -0.85 9.16 -4.45
C TYR A 16 -1.68 8.09 -3.76
N ASP A 17 -1.06 7.39 -2.82
CA ASP A 17 -1.64 6.27 -2.07
C ASP A 17 -2.82 5.51 -2.70
N EW6 A 18 -4.08 6.01 -2.41
CA EW6 A 18 -5.31 5.34 -2.84
C EW6 A 18 -5.24 5.23 -4.37
O EW6 A 18 -4.74 6.09 -5.07
CB EW6 A 18 -6.56 6.16 -2.50
C4 EW6 A 18 -5.40 3.93 -2.15
OG EW6 A 18 -7.72 5.32 -2.72
H EW6 A 18 -4.13 6.87 -1.89
HB2 EW6 A 18 -6.52 6.50 -1.46
HB3 EW6 A 18 -6.59 7.02 -3.17
H7 EW6 A 18 -6.35 3.44 -2.35
H8 EW6 A 18 -5.32 4.06 -1.06
H9 EW6 A 18 -4.58 3.27 -2.48
N GLY A 19 -5.78 4.11 -4.91
CA GLY A 19 -5.74 3.89 -6.34
C GLY A 19 -4.47 3.26 -6.82
N THR A 20 -3.36 3.50 -6.14
CA THR A 20 -2.11 2.94 -6.55
C THR A 20 -1.82 1.77 -5.64
N CYS A 21 -1.67 2.04 -4.35
CA CYS A 21 -1.37 0.99 -3.41
C CYS A 21 -2.55 0.07 -3.28
N ASP A 22 -3.75 0.57 -3.29
CA ASP A 22 -4.92 -0.28 -3.05
C ASP A 22 -4.94 -1.35 -4.11
N TYR A 23 -4.86 -0.86 -5.32
CA TYR A 23 -4.91 -1.65 -6.51
C TYR A 23 -3.94 -2.71 -6.64
N MET A 24 -2.75 -2.23 -6.58
CA MET A 24 -1.65 -2.98 -6.89
C MET A 24 -1.22 -3.78 -5.74
N TYR A 25 -1.39 -3.28 -4.54
CA TYR A 25 -1.01 -4.05 -3.35
C TYR A 25 -1.96 -5.19 -3.35
N SER A 26 -3.20 -4.94 -3.79
CA SER A 26 -4.15 -6.07 -3.89
C SER A 26 -3.54 -7.19 -4.75
N HIS A 27 -2.77 -6.79 -5.76
CA HIS A 27 -2.10 -7.72 -6.69
C HIS A 27 -0.60 -7.97 -6.37
N CYS A 28 -0.07 -7.34 -5.33
CA CYS A 28 1.38 -7.26 -5.14
C CYS A 28 1.71 -8.29 -4.09
N PHE A 29 0.70 -8.59 -3.29
CA PHE A 29 0.80 -9.53 -2.19
C PHE A 29 -0.45 -10.38 -2.09
N GLY A 30 -0.35 -11.54 -1.43
CA GLY A 30 -1.50 -12.41 -1.28
C GLY A 30 -2.10 -12.19 0.08
N ILE A 31 -1.25 -11.74 0.99
CA ILE A 31 -1.64 -11.42 2.34
C ILE A 31 -1.53 -9.92 2.46
N LYS A 32 -2.68 -9.31 2.67
CA LYS A 32 -2.80 -7.86 2.69
C LYS A 32 -3.47 -7.40 3.96
N HIS A 33 -3.41 -8.27 4.95
CA HIS A 33 -4.01 -8.02 6.24
C HIS A 33 -2.92 -8.25 7.28
N HIS A 34 -2.28 -7.18 7.71
CA HIS A 34 -1.14 -7.27 8.62
C HIS A 34 -1.03 -5.98 9.45
N SER A 35 -2.18 -5.45 9.85
CA SER A 35 -2.25 -4.25 10.66
C SER A 35 -2.20 -4.68 12.13
N SER A 36 -1.72 -3.79 13.01
CA SER A 36 -1.63 -4.08 14.43
C SER A 36 -1.74 -2.76 15.18
N GLY A 37 -2.24 -2.81 16.41
CA GLY A 37 -2.35 -1.62 17.24
C GLY A 37 -1.11 -1.40 18.08
N SER A 38 -0.08 -2.20 17.81
CA SER A 38 1.17 -2.09 18.55
C SER A 38 1.81 -0.75 18.26
N SER A 39 2.31 -0.11 19.32
CA SER A 39 2.98 1.20 19.24
C SER A 39 2.14 2.34 18.66
N SER A 40 0.81 2.19 18.67
CA SER A 40 -0.09 3.25 18.22
C SER A 40 -0.33 4.20 19.40
N TYR A 41 0.74 4.84 19.84
CA TYR A 41 0.71 5.71 21.02
C TYR A 41 -0.06 7.01 20.80
N HIS A 42 -0.43 7.30 19.57
CA HIS A 42 -1.06 8.58 19.23
C HIS A 42 -1.81 8.46 17.90
N CYS A 43 -2.32 7.27 17.62
CA CYS A 43 -2.88 6.97 16.31
C CYS A 43 -3.89 5.86 16.45
C1 NAG B . -8.93 6.01 -3.05
C2 NAG B . -10.10 4.99 -3.03
C3 NAG B . -11.45 5.73 -3.23
C4 NAG B . -11.59 6.89 -2.24
C5 NAG B . -10.39 7.85 -2.32
C6 NAG B . -10.48 8.98 -1.28
C7 NAG B . -10.41 2.74 -3.98
C8 NAG B . -10.30 1.89 -5.26
N2 NAG B . -9.91 3.99 -4.11
O3 NAG B . -12.56 4.83 -3.00
O4 NAG B . -12.78 7.61 -2.61
O5 NAG B . -9.17 7.06 -2.04
O6 NAG B . -9.30 9.79 -1.42
O7 NAG B . -11.22 2.46 -3.09
H1 NAG B . -8.82 6.47 -4.03
H2 NAG B . -10.11 4.49 -2.07
H3 NAG B . -11.50 6.11 -4.26
H4 NAG B . -11.70 6.51 -1.23
H5 NAG B . -10.32 8.28 -3.32
H61 NAG B . -11.37 9.59 -1.46
H62 NAG B . -10.53 8.57 -0.28
H81 NAG B . -10.58 0.86 -5.04
H82 NAG B . -9.29 1.93 -5.65
H83 NAG B . -10.99 2.28 -6.01
HN2 NAG B . -9.25 4.19 -4.84
HO3 NAG B . -12.27 3.91 -3.04
HO4 NAG B . -13.48 6.97 -2.74
HO6 NAG B . -8.52 9.25 -1.29
C1 NAG C . -0.31 5.95 13.12
C2 NAG C . 0.36 4.69 13.78
C3 NAG C . 0.38 3.48 12.83
C4 NAG C . 1.03 3.82 11.47
C5 NAG C . 0.92 5.31 11.08
C6 NAG C . 0.88 5.51 9.57
C7 NAG C . 2.06 5.33 15.44
C8 NAG C . 3.56 5.43 15.75
N2 NAG C . 1.75 5.00 14.18
O3 NAG C . -0.98 3.03 12.59
O4 NAG C . 2.44 3.52 11.56
O5 NAG C . -0.33 5.85 11.65
O6 NAG C . 2.14 5.05 9.02
O7 NAG C . 1.21 5.73 16.25
H1 NAG C . 0.24 6.85 13.41
H2 NAG C . -0.20 4.41 14.68
H3 NAG C . 0.92 2.66 13.30
H4 NAG C . 0.58 3.20 10.69
H5 NAG C . 1.76 5.87 11.51
H61 NAG C . 0.06 4.95 9.12
H62 NAG C . 0.75 6.57 9.34
H81 NAG C . 3.72 5.65 16.81
H82 NAG C . 4.05 4.48 15.51
H83 NAG C . 4.00 6.23 15.15
HN2 NAG C . 2.47 4.65 13.57
HO3 NAG C . -1.39 2.71 13.41
HO4 NAG C . 2.84 3.72 10.71
HO6 NAG C . 2.17 5.25 8.09
#